data_6SMA
#
_entry.id   6SMA
#
_cell.length_a   116.669
_cell.length_b   105.913
_cell.length_c   79.474
_cell.angle_alpha   90.000
_cell.angle_beta   121.072
_cell.angle_gamma   90.000
#
_symmetry.space_group_name_H-M   'C 1 2 1'
#
loop_
_entity.id
_entity.type
_entity.pdbx_description
1 polymer 'Neutrophil elastase'
2 branched 2-acetamido-2-deoxy-beta-D-glucopyranose-(1-4)-[alpha-L-fucopyranose-(1-6)]2-acetamido-2-deoxy-beta-D-glucopyranose
3 branched alpha-L-fucopyranose-(1-6)-2-acetamido-2-deoxy-beta-D-glucopyranose
4 non-polymer 'BROMIDE ION'
5 non-polymer '3-[[1-[(4-bromophenyl)methyl]-1,2,3-triazol-4-yl]methylcarbamoyl]pentane-3-sulfonic acid'
6 non-polymer 1,2-ETHANEDIOL
7 water water
#
_entity_poly.entity_id   1
_entity_poly.type   'polypeptide(L)'
_entity_poly.pdbx_seq_one_letter_code
;IVGGRRARPHAWPFMVSLQLRGGHFCGATLIAPNFVMSAAHCVANVNVRAVRVVLGAHNLSRREPTRQVFAVQRIFENGY
DPVNLLNDIVILQLNGSATINANVQVAQLPAQGRRLGNGVQCLAMGWGLLGRNRGIASVLQELNVTVVTSLCRRSNVCTL
VRGRQAGVCFGDSGSPLVCNGLIHGIASFVRGGCASGLYPDAFAPVAQFVNWIDSIIQ
;
_entity_poly.pdbx_strand_id   A,B,C
#
loop_
_chem_comp.id
_chem_comp.type
_chem_comp.name
_chem_comp.formula
BR non-polymer 'BROMIDE ION' 'Br -1'
EDO non-polymer 1,2-ETHANEDIOL 'C2 H6 O2'
FUC L-saccharide, alpha linking alpha-L-fucopyranose 'C6 H12 O5'
LKK non-polymer '3-[[1-[(4-bromophenyl)methyl]-1,2,3-triazol-4-yl]methylcarbamoyl]pentane-3-sulfonic acid' 'C16 H21 Br N4 O4 S'
NAG D-saccharide, beta linking 2-acetamido-2-deoxy-beta-D-glucopyranose 'C8 H15 N O6'
#
# COMPACT_ATOMS: atom_id res chain seq x y z
N ILE A 1 5.35 -21.38 -13.82
CA ILE A 1 6.81 -21.22 -13.86
C ILE A 1 7.30 -21.46 -15.29
N VAL A 2 7.97 -20.45 -15.85
CA VAL A 2 8.49 -20.52 -17.22
C VAL A 2 9.99 -20.76 -17.14
N GLY A 3 10.44 -21.82 -17.80
CA GLY A 3 11.86 -22.12 -17.87
C GLY A 3 12.44 -22.79 -16.64
N GLY A 4 11.60 -23.31 -15.75
CA GLY A 4 12.06 -23.97 -14.54
C GLY A 4 12.19 -25.47 -14.72
N ARG A 5 12.12 -26.18 -13.60
CA ARG A 5 12.25 -27.63 -13.59
C ARG A 5 11.21 -28.24 -12.65
N ARG A 6 10.98 -29.54 -12.82
CA ARG A 6 10.10 -30.27 -11.93
C ARG A 6 10.72 -30.39 -10.56
N ALA A 7 9.95 -30.09 -9.52
CA ALA A 7 10.40 -30.23 -8.15
C ALA A 7 10.32 -31.68 -7.72
N ARG A 8 11.16 -32.05 -6.74
CA ARG A 8 11.08 -33.39 -6.17
C ARG A 8 9.80 -33.53 -5.35
N PRO A 9 9.11 -34.67 -5.44
CA PRO A 9 7.81 -34.81 -4.77
C PRO A 9 7.83 -34.36 -3.32
N HIS A 10 7.01 -33.36 -3.00
CA HIS A 10 6.85 -32.89 -1.62
C HIS A 10 8.14 -32.28 -1.09
N ALA A 11 8.99 -31.78 -2.00
CA ALA A 11 10.22 -31.11 -1.57
C ALA A 11 9.91 -29.87 -0.74
N TRP A 12 8.75 -29.25 -0.95
CA TRP A 12 8.35 -28.02 -0.27
C TRP A 12 6.99 -28.25 0.37
N PRO A 13 6.95 -28.97 1.50
CA PRO A 13 5.65 -29.34 2.09
C PRO A 13 4.81 -28.16 2.53
N PHE A 14 5.36 -26.95 2.53
CA PHE A 14 4.58 -25.75 2.84
C PHE A 14 3.85 -25.20 1.63
N MET A 15 4.10 -25.75 0.44
CA MET A 15 3.53 -25.23 -0.79
C MET A 15 2.05 -25.59 -0.89
N VAL A 16 1.22 -24.61 -1.20
CA VAL A 16 -0.23 -24.77 -1.21
C VAL A 16 -0.76 -24.41 -2.59
N SER A 17 -1.84 -25.09 -2.97
CA SER A 17 -2.55 -24.82 -4.22
C SER A 17 -3.94 -24.32 -3.89
N LEU A 18 -4.27 -23.13 -4.39
CA LEU A 18 -5.62 -22.59 -4.28
C LEU A 18 -6.41 -22.96 -5.52
N GLN A 19 -7.57 -23.57 -5.31
CA GLN A 19 -8.37 -24.16 -6.37
C GLN A 19 -9.82 -23.70 -6.21
N LEU A 20 -10.51 -23.61 -7.35
CA LEU A 20 -11.91 -23.22 -7.35
C LEU A 20 -12.79 -24.44 -7.54
N ARG A 21 -12.95 -24.89 -8.78
CA ARG A 21 -13.72 -26.09 -9.08
C ARG A 21 -12.76 -27.15 -9.62
N GLY A 22 -11.79 -27.53 -8.79
CA GLY A 22 -10.76 -28.47 -9.15
C GLY A 22 -9.63 -27.87 -9.95
N GLY A 23 -9.67 -26.56 -10.23
CA GLY A 23 -8.66 -25.93 -11.05
C GLY A 23 -7.79 -24.97 -10.26
N HIS A 24 -6.48 -25.20 -10.30
CA HIS A 24 -5.53 -24.30 -9.67
C HIS A 24 -5.58 -22.92 -10.30
N PHE A 25 -5.66 -21.89 -9.45
CA PHE A 25 -5.62 -20.51 -9.92
C PHE A 25 -4.59 -19.65 -9.20
N CYS A 26 -4.06 -20.10 -8.07
CA CYS A 26 -3.03 -19.34 -7.36
C CYS A 26 -2.31 -20.27 -6.39
N GLY A 27 -1.14 -19.84 -5.95
CA GLY A 27 -0.39 -20.53 -4.93
C GLY A 27 -0.59 -19.88 -3.56
N ALA A 28 -0.04 -20.55 -2.55
CA ALA A 28 -0.11 -20.03 -1.19
C ALA A 28 0.90 -20.79 -0.34
N THR A 29 1.04 -20.34 0.90
CA THR A 29 2.03 -20.88 1.82
C THR A 29 1.38 -21.16 3.17
N LEU A 30 1.56 -22.38 3.66
CA LEU A 30 1.07 -22.75 4.99
C LEU A 30 2.01 -22.13 6.03
N ILE A 31 1.53 -21.10 6.72
CA ILE A 31 2.33 -20.43 7.75
C ILE A 31 1.93 -20.84 9.15
N ALA A 32 0.93 -21.71 9.27
CA ALA A 32 0.52 -22.28 10.55
C ALA A 32 -0.49 -23.40 10.25
N PRO A 33 -0.72 -24.29 11.20
CA PRO A 33 -1.63 -25.42 10.92
C PRO A 33 -2.98 -25.00 10.39
N ASN A 34 -3.45 -23.79 10.75
CA ASN A 34 -4.76 -23.32 10.31
C ASN A 34 -4.69 -21.95 9.65
N PHE A 35 -3.53 -21.59 9.09
CA PHE A 35 -3.38 -20.32 8.37
C PHE A 35 -2.48 -20.54 7.16
N VAL A 36 -2.88 -19.96 6.04
CA VAL A 36 -2.03 -19.88 4.85
C VAL A 36 -1.82 -18.40 4.51
N MET A 37 -0.87 -18.16 3.62
CA MET A 37 -0.48 -16.81 3.22
C MET A 37 -0.40 -16.78 1.70
N SER A 38 -1.08 -15.80 1.10
CA SER A 38 -1.15 -15.69 -0.35
C SER A 38 -1.22 -14.22 -0.73
N ALA A 39 -1.48 -13.96 -2.01
CA ALA A 39 -1.60 -12.60 -2.51
C ALA A 39 -3.04 -12.12 -2.44
N ALA A 40 -3.22 -10.86 -2.04
CA ALA A 40 -4.56 -10.32 -1.89
C ALA A 40 -5.33 -10.35 -3.21
N HIS A 41 -4.64 -10.15 -4.34
CA HIS A 41 -5.32 -10.16 -5.62
C HIS A 41 -5.72 -11.56 -6.06
N CYS A 42 -5.23 -12.61 -5.39
CA CYS A 42 -5.64 -13.96 -5.73
C CYS A 42 -7.07 -14.24 -5.27
N VAL A 43 -7.52 -13.56 -4.21
CA VAL A 43 -8.88 -13.71 -3.72
C VAL A 43 -9.73 -12.50 -4.03
N ALA A 44 -9.20 -11.53 -4.77
CA ALA A 44 -9.98 -10.39 -5.22
C ALA A 44 -10.83 -10.80 -6.42
N ASN A 45 -12.10 -10.40 -6.40
CA ASN A 45 -13.02 -10.69 -7.49
C ASN A 45 -13.14 -12.18 -7.74
N VAL A 46 -13.16 -12.97 -6.65
CA VAL A 46 -13.49 -14.38 -6.70
C VAL A 46 -14.45 -14.68 -5.56
N ASN A 47 -15.13 -15.82 -5.66
CA ASN A 47 -16.01 -16.29 -4.60
C ASN A 47 -15.14 -17.07 -3.61
N VAL A 48 -14.77 -16.42 -2.51
CA VAL A 48 -13.87 -17.06 -1.55
C VAL A 48 -14.54 -18.25 -0.90
N ARG A 49 -15.86 -18.22 -0.74
CA ARG A 49 -16.57 -19.37 -0.19
C ARG A 49 -16.37 -20.64 -1.00
N ALA A 50 -16.03 -20.52 -2.28
CA ALA A 50 -15.81 -21.67 -3.14
C ALA A 50 -14.33 -22.07 -3.25
N VAL A 51 -13.42 -21.28 -2.68
CA VAL A 51 -12.00 -21.58 -2.79
C VAL A 51 -11.65 -22.75 -1.89
N ARG A 52 -10.90 -23.70 -2.44
CA ARG A 52 -10.40 -24.85 -1.70
C ARG A 52 -8.89 -24.73 -1.54
N VAL A 53 -8.42 -24.91 -0.30
CA VAL A 53 -7.00 -24.78 0.03
C VAL A 53 -6.43 -26.19 0.13
N VAL A 54 -5.60 -26.56 -0.84
CA VAL A 54 -5.10 -27.92 -0.98
C VAL A 54 -3.66 -27.98 -0.49
N LEU A 55 -3.42 -28.73 0.58
CA LEU A 55 -2.09 -28.91 1.14
C LEU A 55 -1.49 -30.24 0.70
N GLY A 56 -0.16 -30.31 0.75
CA GLY A 56 0.53 -31.56 0.52
C GLY A 56 0.39 -32.10 -0.88
N ALA A 57 0.24 -31.24 -1.88
CA ALA A 57 0.06 -31.66 -3.26
C ALA A 57 1.39 -31.60 -4.01
N HIS A 58 1.47 -32.38 -5.09
CA HIS A 58 2.62 -32.35 -5.97
C HIS A 58 2.18 -32.38 -7.43
N ASN A 59 1.44 -33.41 -7.82
CA ASN A 59 0.95 -33.58 -9.18
C ASN A 59 -0.55 -33.32 -9.18
N LEU A 60 -0.96 -32.18 -9.72
CA LEU A 60 -2.36 -31.79 -9.70
C LEU A 60 -3.21 -32.63 -10.65
N SER A 61 -2.58 -33.34 -11.60
CA SER A 61 -3.34 -34.18 -12.52
C SER A 61 -3.81 -35.48 -11.90
N ARG A 62 -3.19 -35.93 -10.82
CA ARG A 62 -3.58 -37.15 -10.12
C ARG A 62 -4.28 -36.79 -8.82
N ARG A 63 -5.16 -37.67 -8.35
CA ARG A 63 -5.76 -37.55 -7.02
C ARG A 63 -4.81 -38.22 -6.03
N GLU A 64 -4.10 -37.40 -5.27
CA GLU A 64 -3.02 -37.88 -4.42
C GLU A 64 -3.52 -38.00 -2.98
N PRO A 65 -3.38 -39.17 -2.35
CA PRO A 65 -3.84 -39.30 -0.96
C PRO A 65 -3.04 -38.47 0.03
N THR A 66 -1.91 -37.90 -0.37
CA THR A 66 -1.15 -37.02 0.51
C THR A 66 -1.86 -35.70 0.79
N ARG A 67 -2.97 -35.43 0.10
CA ARG A 67 -3.59 -34.11 0.15
C ARG A 67 -4.43 -33.92 1.40
N GLN A 68 -4.48 -32.68 1.87
CA GLN A 68 -5.40 -32.24 2.90
C GLN A 68 -6.06 -30.97 2.39
N VAL A 69 -7.38 -30.98 2.28
CA VAL A 69 -8.13 -29.87 1.70
C VAL A 69 -8.83 -29.09 2.81
N PHE A 70 -8.82 -27.77 2.67
CA PHE A 70 -9.46 -26.89 3.65
C PHE A 70 -10.17 -25.76 2.92
N ALA A 71 -11.05 -25.08 3.66
CA ALA A 71 -11.76 -23.92 3.16
C ALA A 71 -11.35 -22.67 3.93
N VAL A 72 -11.69 -21.51 3.38
CA VAL A 72 -11.33 -20.24 3.99
C VAL A 72 -12.38 -19.86 5.02
N GLN A 73 -11.92 -19.60 6.25
CA GLN A 73 -12.81 -19.18 7.33
C GLN A 73 -12.77 -17.68 7.57
N ARG A 74 -11.59 -17.06 7.51
CA ARG A 74 -11.44 -15.64 7.83
C ARG A 74 -10.39 -15.03 6.92
N ILE A 75 -10.60 -13.76 6.56
CA ILE A 75 -9.75 -13.05 5.61
C ILE A 75 -9.13 -11.85 6.31
N PHE A 76 -7.83 -11.67 6.13
CA PHE A 76 -7.10 -10.55 6.71
C PHE A 76 -6.32 -9.83 5.62
N GLU A 77 -6.58 -8.54 5.45
CA GLU A 77 -5.85 -7.71 4.50
C GLU A 77 -5.49 -6.39 5.19
N ASN A 78 -4.28 -5.89 4.90
CA ASN A 78 -3.73 -4.71 5.55
C ASN A 78 -3.32 -3.70 4.47
N GLY A 79 -4.31 -3.03 3.89
CA GLY A 79 -4.04 -1.95 2.95
C GLY A 79 -3.64 -2.40 1.56
N TYR A 80 -4.26 -3.47 1.04
CA TYR A 80 -3.98 -3.92 -0.30
C TYR A 80 -4.44 -2.89 -1.32
N ASP A 81 -3.51 -2.45 -2.18
CA ASP A 81 -3.80 -1.47 -3.22
C ASP A 81 -3.95 -2.19 -4.55
N PRO A 82 -5.18 -2.42 -5.04
CA PRO A 82 -5.34 -3.24 -6.25
C PRO A 82 -4.90 -2.54 -7.53
N VAL A 83 -4.76 -1.21 -7.52
CA VAL A 83 -4.34 -0.50 -8.73
C VAL A 83 -2.82 -0.53 -8.86
N ASN A 84 -2.11 -0.20 -7.78
CA ASN A 84 -0.66 -0.19 -7.77
C ASN A 84 -0.05 -1.51 -7.34
N LEU A 85 -0.86 -2.49 -6.95
CA LEU A 85 -0.38 -3.75 -6.41
C LEU A 85 0.64 -3.50 -5.31
N LEU A 86 0.16 -2.82 -4.27
CA LEU A 86 0.92 -2.61 -3.05
C LEU A 86 0.27 -3.39 -1.92
N ASN A 87 1.08 -3.94 -1.03
CA ASN A 87 0.59 -4.78 0.06
C ASN A 87 -0.27 -5.91 -0.49
N ASP A 88 0.23 -6.55 -1.55
CA ASP A 88 -0.47 -7.65 -2.20
C ASP A 88 -0.27 -8.92 -1.38
N ILE A 89 -0.87 -8.93 -0.19
CA ILE A 89 -0.73 -10.02 0.75
C ILE A 89 -2.06 -10.21 1.48
N VAL A 90 -2.44 -11.46 1.68
CA VAL A 90 -3.64 -11.80 2.43
C VAL A 90 -3.35 -13.04 3.28
N ILE A 91 -3.80 -13.00 4.53
CA ILE A 91 -3.70 -14.14 5.44
C ILE A 91 -5.08 -14.78 5.50
N LEU A 92 -5.14 -16.07 5.17
CA LEU A 92 -6.40 -16.81 5.12
C LEU A 92 -6.39 -17.85 6.24
N GLN A 93 -7.29 -17.69 7.21
CA GLN A 93 -7.49 -18.70 8.22
C GLN A 93 -8.33 -19.83 7.65
N LEU A 94 -7.94 -21.06 7.94
CA LEU A 94 -8.62 -22.22 7.40
C LEU A 94 -9.75 -22.66 8.32
N ASN A 95 -10.67 -23.45 7.76
CA ASN A 95 -11.79 -24.00 8.53
C ASN A 95 -11.36 -25.10 9.49
N GLY A 96 -10.08 -25.48 9.46
CA GLY A 96 -9.57 -26.47 10.37
C GLY A 96 -8.07 -26.35 10.50
N SER A 97 -7.48 -27.37 11.13
CA SER A 97 -6.04 -27.42 11.33
C SER A 97 -5.44 -28.57 10.52
N ALA A 98 -4.33 -28.29 9.85
CA ALA A 98 -3.67 -29.30 9.04
C ALA A 98 -2.95 -30.31 9.94
N THR A 99 -2.87 -31.54 9.46
CA THR A 99 -2.07 -32.57 10.12
C THR A 99 -0.64 -32.48 9.59
N ILE A 100 0.30 -32.17 10.48
CA ILE A 100 1.69 -31.99 10.08
C ILE A 100 2.32 -33.37 9.85
N ASN A 101 2.99 -33.52 8.71
CA ASN A 101 3.65 -34.77 8.36
C ASN A 101 4.71 -34.45 7.32
N ALA A 102 5.28 -35.51 6.72
CA ALA A 102 6.35 -35.32 5.76
C ALA A 102 5.94 -34.43 4.60
N ASN A 103 4.66 -34.46 4.22
CA ASN A 103 4.20 -33.75 3.04
C ASN A 103 3.53 -32.41 3.35
N VAL A 104 3.16 -32.16 4.60
CA VAL A 104 2.50 -30.93 4.99
C VAL A 104 3.22 -30.39 6.23
N GLN A 105 3.85 -29.23 6.09
CA GLN A 105 4.60 -28.63 7.18
C GLN A 105 4.47 -27.11 7.10
N VAL A 106 4.66 -26.47 8.25
CA VAL A 106 4.59 -25.02 8.34
C VAL A 106 5.92 -24.43 7.89
N ALA A 107 5.86 -23.32 7.17
CA ALA A 107 7.06 -22.66 6.69
C ALA A 107 7.63 -21.71 7.75
N GLN A 108 8.85 -21.25 7.50
CA GLN A 108 9.52 -20.30 8.37
C GLN A 108 9.56 -18.94 7.68
N LEU A 109 9.24 -17.90 8.42
CA LEU A 109 9.25 -16.54 7.90
C LEU A 109 10.47 -15.79 8.41
N PRO A 110 10.87 -14.73 7.74
CA PRO A 110 12.00 -13.92 8.20
C PRO A 110 11.57 -12.96 9.31
N ALA A 111 12.53 -12.18 9.78
CA ALA A 111 12.27 -11.19 10.81
C ALA A 111 11.70 -9.92 10.19
N GLN A 112 10.82 -9.25 10.94
CA GLN A 112 10.25 -7.99 10.49
C GLN A 112 11.35 -7.04 10.05
N GLY A 113 11.22 -6.52 8.84
CA GLY A 113 12.13 -5.53 8.31
C GLY A 113 13.36 -6.09 7.62
N ARG A 114 13.62 -7.39 7.71
CA ARG A 114 14.78 -7.97 7.03
C ARG A 114 14.63 -7.79 5.52
N ARG A 115 15.59 -7.11 4.91
CA ARG A 115 15.56 -6.82 3.48
C ARG A 115 16.70 -7.56 2.80
N LEU A 116 16.41 -8.17 1.65
CA LEU A 116 17.39 -8.96 0.92
C LEU A 116 18.18 -8.07 -0.02
N GLY A 117 19.51 -8.25 -0.02
CA GLY A 117 20.36 -7.48 -0.89
C GLY A 117 20.42 -8.04 -2.29
N ASN A 118 20.90 -7.21 -3.22
CA ASN A 118 21.02 -7.61 -4.60
C ASN A 118 21.99 -8.78 -4.74
N GLY A 119 21.60 -9.77 -5.54
CA GLY A 119 22.43 -10.92 -5.81
C GLY A 119 22.07 -12.16 -5.01
N VAL A 120 21.24 -12.04 -3.98
CA VAL A 120 20.89 -13.21 -3.17
C VAL A 120 20.17 -14.24 -4.04
N GLN A 121 20.55 -15.49 -3.86
CA GLN A 121 19.98 -16.59 -4.63
C GLN A 121 18.74 -17.13 -3.92
N CYS A 122 17.64 -17.21 -4.65
CA CYS A 122 16.37 -17.67 -4.12
C CYS A 122 15.80 -18.74 -5.03
N LEU A 123 14.71 -19.36 -4.58
CA LEU A 123 14.03 -20.41 -5.32
C LEU A 123 12.56 -20.07 -5.40
N ALA A 124 12.07 -19.83 -6.61
CA ALA A 124 10.64 -19.65 -6.86
C ALA A 124 10.00 -20.99 -7.19
N MET A 125 8.67 -21.02 -7.16
CA MET A 125 7.95 -22.26 -7.40
C MET A 125 6.49 -21.94 -7.64
N GLY A 126 5.78 -22.90 -8.23
CA GLY A 126 4.36 -22.77 -8.44
C GLY A 126 3.86 -23.74 -9.49
N TRP A 127 2.54 -23.76 -9.62
CA TRP A 127 1.85 -24.54 -10.64
C TRP A 127 1.36 -23.67 -11.79
N GLY A 128 1.94 -22.50 -11.97
CA GLY A 128 1.50 -21.57 -13.00
C GLY A 128 1.85 -22.06 -14.39
N LEU A 129 1.56 -21.20 -15.36
CA LEU A 129 1.76 -21.54 -16.77
C LEU A 129 3.23 -21.84 -17.03
N LEU A 130 3.46 -22.69 -18.04
CA LEU A 130 4.80 -23.08 -18.43
C LEU A 130 5.41 -22.15 -19.48
N GLY A 131 4.61 -21.27 -20.07
CA GLY A 131 5.15 -20.25 -20.95
C GLY A 131 4.35 -20.00 -22.21
N ARG A 132 5.03 -20.12 -23.35
CA ARG A 132 4.49 -19.72 -24.65
C ARG A 132 3.33 -20.61 -25.07
N ASN A 133 2.12 -20.29 -24.61
CA ASN A 133 0.93 -21.09 -24.90
C ASN A 133 1.16 -22.57 -24.58
N ARG A 134 2.04 -22.84 -23.62
CA ARG A 134 2.32 -24.21 -23.21
C ARG A 134 1.27 -24.75 -22.25
N GLY A 135 0.51 -23.89 -21.60
CA GLY A 135 -0.51 -24.31 -20.68
C GLY A 135 -0.03 -24.38 -19.25
N ILE A 136 -0.92 -24.83 -18.38
CA ILE A 136 -0.65 -24.90 -16.95
C ILE A 136 0.21 -26.10 -16.64
N ALA A 137 0.97 -26.01 -15.55
CA ALA A 137 1.83 -27.08 -15.08
C ALA A 137 1.06 -28.01 -14.16
N SER A 138 1.16 -29.31 -14.40
CA SER A 138 0.52 -30.28 -13.53
C SER A 138 1.37 -30.57 -12.31
N VAL A 139 2.65 -30.86 -12.51
CA VAL A 139 3.57 -31.14 -11.42
C VAL A 139 4.20 -29.83 -10.97
N LEU A 140 4.47 -29.72 -9.67
CA LEU A 140 5.05 -28.51 -9.12
C LEU A 140 6.38 -28.19 -9.80
N GLN A 141 6.52 -26.94 -10.21
CA GLN A 141 7.76 -26.45 -10.81
C GLN A 141 8.50 -25.57 -9.83
N GLU A 142 9.83 -25.52 -9.98
CA GLU A 142 10.68 -24.62 -9.20
C GLU A 142 11.69 -23.98 -10.14
N LEU A 143 12.28 -22.89 -9.67
CA LEU A 143 13.14 -22.07 -10.51
C LEU A 143 14.15 -21.34 -9.64
N ASN A 144 15.44 -21.50 -9.95
CA ASN A 144 16.47 -20.73 -9.30
C ASN A 144 16.45 -19.30 -9.84
N VAL A 145 16.33 -18.33 -8.93
CA VAL A 145 16.28 -16.92 -9.31
C VAL A 145 17.24 -16.14 -8.44
N THR A 146 17.54 -14.92 -8.88
CA THR A 146 18.46 -14.03 -8.18
C THR A 146 17.74 -12.73 -7.84
N VAL A 147 17.90 -12.27 -6.59
CA VAL A 147 17.29 -11.02 -6.18
C VAL A 147 17.97 -9.86 -6.89
N VAL A 148 17.15 -8.90 -7.34
CA VAL A 148 17.64 -7.68 -7.94
C VAL A 148 16.88 -6.52 -7.33
N THR A 149 17.58 -5.39 -7.18
CA THR A 149 16.97 -4.17 -6.65
C THR A 149 16.75 -3.10 -7.70
N SER A 150 17.44 -3.18 -8.82
CA SER A 150 17.23 -2.23 -9.91
C SER A 150 15.96 -2.59 -10.65
N LEU A 151 15.26 -1.57 -11.14
CA LEU A 151 13.96 -1.73 -11.79
C LEU A 151 12.94 -2.37 -10.84
N CYS A 152 13.09 -2.10 -9.55
CA CYS A 152 12.22 -2.65 -8.51
C CYS A 152 11.84 -1.54 -7.55
N ARG A 153 10.62 -1.64 -7.01
CA ARG A 153 10.15 -0.72 -5.99
C ARG A 153 10.58 -1.20 -4.61
N ARG A 154 10.71 -0.26 -3.68
CA ARG A 154 11.05 -0.63 -2.31
C ARG A 154 9.95 -1.43 -1.64
N SER A 155 8.72 -1.34 -2.14
CA SER A 155 7.59 -2.09 -1.62
C SER A 155 7.48 -3.49 -2.24
N ASN A 156 8.54 -3.96 -2.91
CA ASN A 156 8.54 -5.29 -3.50
C ASN A 156 9.93 -5.91 -3.32
N VAL A 157 9.96 -7.23 -3.39
CA VAL A 157 11.19 -7.99 -3.56
C VAL A 157 11.17 -8.56 -4.97
N CYS A 158 12.17 -8.20 -5.77
CA CYS A 158 12.21 -8.58 -7.17
C CYS A 158 13.33 -9.57 -7.43
N THR A 159 13.10 -10.46 -8.39
CA THR A 159 14.06 -11.48 -8.77
C THR A 159 14.20 -11.50 -10.29
N LEU A 160 15.31 -12.07 -10.76
CA LEU A 160 15.58 -12.11 -12.19
C LEU A 160 16.50 -13.28 -12.48
N VAL A 161 16.15 -14.08 -13.47
CA VAL A 161 17.01 -15.17 -13.94
C VAL A 161 18.05 -14.58 -14.89
N ARG A 162 19.33 -14.77 -14.56
CA ARG A 162 20.41 -14.21 -15.36
C ARG A 162 20.72 -15.12 -16.55
N GLY A 163 20.81 -14.52 -17.74
CA GLY A 163 21.30 -15.21 -18.90
C GLY A 163 20.25 -15.86 -19.78
N ARG A 164 19.00 -15.91 -19.33
CA ARG A 164 17.96 -16.59 -20.10
C ARG A 164 16.61 -16.10 -19.63
N GLN A 165 15.59 -16.35 -20.46
CA GLN A 165 14.23 -15.88 -20.20
C GLN A 165 13.49 -16.92 -19.37
N ALA A 166 13.21 -16.59 -18.11
CA ALA A 166 12.50 -17.48 -17.22
C ALA A 166 11.96 -16.67 -16.05
N GLY A 167 10.93 -17.20 -15.41
CA GLY A 167 10.33 -16.54 -14.28
C GLY A 167 8.93 -17.07 -14.02
N VAL A 168 8.25 -16.39 -13.09
CA VAL A 168 6.89 -16.76 -12.73
C VAL A 168 5.91 -16.31 -13.82
N CYS A 169 4.70 -16.86 -13.76
CA CYS A 169 3.69 -16.54 -14.75
C CYS A 169 2.31 -16.75 -14.14
N PHE A 170 1.28 -16.59 -14.97
CA PHE A 170 -0.10 -16.75 -14.52
C PHE A 170 -0.29 -18.09 -13.83
N GLY A 171 -0.91 -18.05 -12.65
CA GLY A 171 -1.09 -19.20 -11.81
C GLY A 171 -0.07 -19.34 -10.71
N ASP A 172 1.06 -18.63 -10.81
CA ASP A 172 2.07 -18.61 -9.77
C ASP A 172 1.81 -17.55 -8.72
N SER A 173 0.89 -16.61 -8.98
CA SER A 173 0.55 -15.59 -8.00
C SER A 173 0.23 -16.22 -6.66
N GLY A 174 0.67 -15.57 -5.59
CA GLY A 174 0.50 -16.08 -4.25
C GLY A 174 1.51 -17.13 -3.84
N SER A 175 2.32 -17.64 -4.77
CA SER A 175 3.28 -18.68 -4.43
C SER A 175 4.46 -18.06 -3.67
N PRO A 176 5.15 -18.84 -2.85
CA PRO A 176 6.22 -18.29 -2.03
C PRO A 176 7.54 -18.18 -2.81
N LEU A 177 8.37 -17.25 -2.33
CA LEU A 177 9.74 -17.12 -2.77
C LEU A 177 10.63 -17.50 -1.59
N VAL A 178 11.44 -18.54 -1.76
CA VAL A 178 12.25 -19.09 -0.69
C VAL A 178 13.68 -18.60 -0.85
N CYS A 179 14.19 -17.95 0.19
CA CYS A 179 15.58 -17.48 0.22
C CYS A 179 16.18 -17.90 1.56
N ASN A 180 17.23 -18.71 1.50
CA ASN A 180 17.90 -19.21 2.71
C ASN A 180 16.91 -19.93 3.62
N GLY A 181 16.03 -20.73 3.02
CA GLY A 181 15.08 -21.52 3.80
C GLY A 181 13.94 -20.74 4.40
N LEU A 182 13.80 -19.46 4.06
CA LEU A 182 12.73 -18.61 4.59
C LEU A 182 11.87 -18.09 3.44
N ILE A 183 10.60 -17.82 3.75
CA ILE A 183 9.65 -17.32 2.76
C ILE A 183 9.75 -15.81 2.78
N HIS A 184 10.45 -15.25 1.79
CA HIS A 184 10.67 -13.81 1.71
C HIS A 184 9.73 -13.10 0.73
N GLY A 185 9.03 -13.82 -0.12
CA GLY A 185 8.22 -13.19 -1.15
C GLY A 185 6.94 -13.95 -1.43
N ILE A 186 5.95 -13.21 -1.90
CA ILE A 186 4.70 -13.77 -2.42
C ILE A 186 4.57 -13.27 -3.86
N ALA A 187 4.48 -14.21 -4.80
CA ALA A 187 4.39 -13.86 -6.22
C ALA A 187 3.25 -12.90 -6.46
N SER A 188 3.56 -11.74 -7.05
CA SER A 188 2.59 -10.66 -7.18
C SER A 188 2.29 -10.32 -8.64
N PHE A 189 3.28 -9.94 -9.44
CA PHE A 189 3.00 -9.55 -10.81
C PHE A 189 4.29 -9.57 -11.63
N VAL A 190 4.11 -9.62 -12.95
CA VAL A 190 5.22 -9.55 -13.89
C VAL A 190 5.02 -8.31 -14.76
N ARG A 191 6.08 -7.97 -15.51
CA ARG A 191 6.06 -6.87 -16.45
C ARG A 191 6.61 -7.34 -17.79
N GLY A 192 6.11 -6.75 -18.87
CA GLY A 192 6.49 -7.17 -20.20
C GLY A 192 6.18 -8.61 -20.50
N GLY A 193 5.11 -9.13 -19.93
CA GLY A 193 4.77 -10.53 -20.08
C GLY A 193 5.64 -11.40 -19.20
N CYS A 194 5.37 -12.70 -19.27
CA CYS A 194 6.16 -13.67 -18.52
C CYS A 194 7.49 -13.92 -19.22
N ALA A 195 8.52 -14.20 -18.41
CA ALA A 195 9.86 -14.49 -18.93
C ALA A 195 10.27 -13.47 -19.99
N SER A 196 10.07 -12.19 -19.66
CA SER A 196 10.42 -11.12 -20.59
C SER A 196 11.93 -11.06 -20.82
N GLY A 197 12.72 -11.45 -19.82
CA GLY A 197 14.16 -11.30 -19.89
C GLY A 197 14.65 -9.89 -19.64
N LEU A 198 13.75 -8.94 -19.41
CA LEU A 198 14.10 -7.54 -19.21
C LEU A 198 13.60 -7.00 -17.88
N TYR A 199 12.33 -7.26 -17.54
CA TYR A 199 11.73 -6.73 -16.33
C TYR A 199 11.73 -7.79 -15.23
N PRO A 200 12.28 -7.51 -14.05
CA PRO A 200 12.26 -8.51 -12.98
C PRO A 200 10.83 -8.89 -12.59
N ASP A 201 10.71 -10.07 -11.98
CA ASP A 201 9.45 -10.47 -11.37
C ASP A 201 9.32 -9.82 -10.01
N ALA A 202 8.09 -9.43 -9.65
CA ALA A 202 7.82 -8.68 -8.43
C ALA A 202 7.09 -9.56 -7.43
N PHE A 203 7.60 -9.59 -6.20
CA PHE A 203 6.99 -10.34 -5.11
C PHE A 203 6.60 -9.38 -3.99
N ALA A 204 5.49 -9.69 -3.32
CA ALA A 204 5.11 -8.94 -2.13
C ALA A 204 6.14 -9.22 -1.02
N PRO A 205 6.61 -8.20 -0.31
CA PRO A 205 7.69 -8.41 0.67
C PRO A 205 7.19 -8.95 2.00
N VAL A 206 7.32 -10.27 2.20
CA VAL A 206 6.78 -10.90 3.40
C VAL A 206 7.39 -10.28 4.66
N ALA A 207 8.67 -9.93 4.60
CA ALA A 207 9.35 -9.41 5.79
C ALA A 207 8.67 -8.17 6.34
N GLN A 208 8.10 -7.33 5.47
CA GLN A 208 7.48 -6.10 5.91
C GLN A 208 6.18 -6.31 6.67
N PHE A 209 5.66 -7.55 6.71
CA PHE A 209 4.36 -7.82 7.32
C PHE A 209 4.44 -8.86 8.43
N VAL A 210 5.65 -9.19 8.91
CA VAL A 210 5.79 -10.28 9.87
C VAL A 210 5.08 -9.95 11.18
N ASN A 211 5.29 -8.74 11.70
CA ASN A 211 4.62 -8.35 12.93
C ASN A 211 3.11 -8.47 12.79
N TRP A 212 2.57 -7.96 11.68
CA TRP A 212 1.14 -8.09 11.42
C TRP A 212 0.74 -9.56 11.35
N ILE A 213 1.52 -10.37 10.63
CA ILE A 213 1.25 -11.80 10.57
C ILE A 213 1.26 -12.41 11.96
N ASP A 214 2.30 -12.10 12.75
CA ASP A 214 2.42 -12.68 14.08
C ASP A 214 1.23 -12.32 14.94
N SER A 215 0.74 -11.08 14.83
CA SER A 215 -0.40 -10.66 15.65
C SER A 215 -1.64 -11.47 15.36
N ILE A 216 -1.75 -12.03 14.15
CA ILE A 216 -2.94 -12.78 13.76
C ILE A 216 -2.82 -14.26 14.11
N ILE A 217 -1.68 -14.88 13.79
CA ILE A 217 -1.51 -16.31 14.02
C ILE A 217 -0.94 -16.60 15.40
N GLN A 218 -0.89 -15.59 16.26
CA GLN A 218 -0.29 -15.70 17.58
C GLN A 218 1.13 -16.27 17.54
N ILE B 1 -34.17 0.30 2.19
CA ILE B 1 -34.95 0.44 3.40
C ILE B 1 -36.42 0.20 3.10
N VAL B 2 -37.01 -0.77 3.79
CA VAL B 2 -38.42 -1.13 3.61
C VAL B 2 -39.23 -0.54 4.75
N GLY B 3 -40.26 0.22 4.41
CA GLY B 3 -41.14 0.79 5.41
C GLY B 3 -40.61 2.02 6.09
N GLY B 4 -39.59 2.66 5.54
CA GLY B 4 -39.02 3.86 6.11
C GLY B 4 -39.62 5.11 5.52
N ARG B 5 -38.86 6.20 5.61
CA ARG B 5 -39.29 7.48 5.10
C ARG B 5 -38.11 8.16 4.40
N ARG B 6 -38.43 9.16 3.60
CA ARG B 6 -37.42 9.98 2.95
C ARG B 6 -36.68 10.83 3.98
N ALA B 7 -35.35 10.82 3.91
CA ALA B 7 -34.55 11.67 4.78
C ALA B 7 -34.53 13.08 4.22
N ARG B 8 -34.34 14.06 5.10
CA ARG B 8 -34.20 15.43 4.64
C ARG B 8 -32.88 15.58 3.90
N PRO B 9 -32.85 16.29 2.76
CA PRO B 9 -31.64 16.34 1.94
C PRO B 9 -30.37 16.66 2.72
N HIS B 10 -29.41 15.73 2.66
CA HIS B 10 -28.10 15.90 3.28
C HIS B 10 -28.19 15.97 4.80
N ALA B 11 -29.24 15.37 5.37
CA ALA B 11 -29.35 15.32 6.82
C ALA B 11 -28.20 14.54 7.45
N TRP B 12 -27.62 13.59 6.71
CA TRP B 12 -26.57 12.70 7.23
C TRP B 12 -25.37 12.81 6.29
N PRO B 13 -24.58 13.88 6.41
CA PRO B 13 -23.50 14.11 5.45
C PRO B 13 -22.42 13.04 5.44
N PHE B 14 -22.42 12.11 6.40
CA PHE B 14 -21.48 11.01 6.39
C PHE B 14 -21.95 9.83 5.54
N MET B 15 -23.19 9.87 5.04
CA MET B 15 -23.74 8.73 4.31
C MET B 15 -23.12 8.66 2.92
N VAL B 16 -22.69 7.46 2.54
CA VAL B 16 -21.94 7.26 1.30
C VAL B 16 -22.64 6.24 0.43
N SER B 17 -22.51 6.41 -0.88
CA SER B 17 -23.04 5.48 -1.86
C SER B 17 -21.87 4.86 -2.64
N LEU B 18 -21.77 3.54 -2.58
CA LEU B 18 -20.81 2.79 -3.38
C LEU B 18 -21.50 2.32 -4.65
N GLN B 19 -20.92 2.62 -5.80
CA GLN B 19 -21.59 2.38 -7.07
C GLN B 19 -20.68 1.68 -8.06
N LEU B 20 -21.27 0.72 -8.78
CA LEU B 20 -20.65 0.09 -9.95
C LEU B 20 -21.49 0.42 -11.18
N ARG B 21 -20.79 0.72 -12.28
CA ARG B 21 -21.44 1.05 -13.55
C ARG B 21 -22.63 1.99 -13.33
N GLY B 22 -22.37 3.05 -12.58
CA GLY B 22 -23.40 4.04 -12.30
C GLY B 22 -24.47 3.62 -11.32
N GLY B 23 -24.42 2.39 -10.81
CA GLY B 23 -25.49 1.83 -9.99
C GLY B 23 -25.04 1.60 -8.56
N HIS B 24 -25.82 2.16 -7.63
CA HIS B 24 -25.60 1.91 -6.21
C HIS B 24 -25.80 0.43 -5.90
N PHE B 25 -24.84 -0.15 -5.17
CA PHE B 25 -24.94 -1.54 -4.75
C PHE B 25 -24.72 -1.73 -3.25
N CYS B 26 -24.19 -0.73 -2.55
CA CYS B 26 -24.01 -0.83 -1.11
C CYS B 26 -23.84 0.59 -0.55
N GLY B 27 -24.04 0.70 0.76
CA GLY B 27 -23.78 1.94 1.47
C GLY B 27 -22.42 1.91 2.16
N ALA B 28 -22.07 3.05 2.73
CA ALA B 28 -20.83 3.19 3.47
C ALA B 28 -20.92 4.46 4.30
N THR B 29 -19.90 4.66 5.16
CA THR B 29 -19.88 5.78 6.09
C THR B 29 -18.53 6.45 6.04
N LEU B 30 -18.53 7.77 5.89
CA LEU B 30 -17.30 8.56 5.92
C LEU B 30 -16.83 8.66 7.36
N ILE B 31 -15.76 7.94 7.69
CA ILE B 31 -15.19 7.98 9.03
C ILE B 31 -13.93 8.83 9.11
N ALA B 32 -13.51 9.40 7.99
CA ALA B 32 -12.38 10.33 7.94
C ALA B 32 -12.33 10.92 6.54
N PRO B 33 -11.64 12.06 6.37
CA PRO B 33 -11.65 12.71 5.04
C PRO B 33 -11.22 11.80 3.91
N ASN B 34 -10.39 10.78 4.19
CA ASN B 34 -9.89 9.89 3.16
C ASN B 34 -10.14 8.42 3.50
N PHE B 35 -11.15 8.14 4.33
CA PHE B 35 -11.50 6.77 4.68
C PHE B 35 -13.01 6.64 4.77
N VAL B 36 -13.53 5.54 4.24
CA VAL B 36 -14.92 5.16 4.42
C VAL B 36 -14.97 3.82 5.13
N MET B 37 -16.15 3.48 5.64
CA MET B 37 -16.37 2.27 6.41
C MET B 37 -17.61 1.59 5.87
N SER B 38 -17.48 0.30 5.55
CA SER B 38 -18.56 -0.43 4.92
C SER B 38 -18.51 -1.88 5.38
N ALA B 39 -19.31 -2.73 4.74
CA ALA B 39 -19.34 -4.15 5.04
C ALA B 39 -18.37 -4.89 4.13
N ALA B 40 -17.65 -5.86 4.70
CA ALA B 40 -16.67 -6.60 3.93
C ALA B 40 -17.30 -7.36 2.77
N HIS B 41 -18.53 -7.87 2.96
CA HIS B 41 -19.17 -8.63 1.89
C HIS B 41 -19.67 -7.73 0.76
N CYS B 42 -19.66 -6.42 0.94
CA CYS B 42 -20.06 -5.52 -0.14
C CYS B 42 -19.01 -5.44 -1.22
N VAL B 43 -17.74 -5.65 -0.89
CA VAL B 43 -16.65 -5.61 -1.84
C VAL B 43 -16.08 -7.00 -2.13
N ALA B 44 -16.71 -8.05 -1.61
CA ALA B 44 -16.28 -9.40 -1.94
C ALA B 44 -16.79 -9.79 -3.32
N ASN B 45 -15.92 -10.37 -4.13
CA ASN B 45 -16.27 -10.83 -5.47
C ASN B 45 -16.82 -9.69 -6.33
N VAL B 46 -16.19 -8.52 -6.21
CA VAL B 46 -16.44 -7.41 -7.12
C VAL B 46 -15.09 -6.83 -7.52
N ASN B 47 -15.10 -6.06 -8.60
CA ASN B 47 -13.90 -5.37 -9.07
C ASN B 47 -13.80 -4.03 -8.34
N VAL B 48 -12.95 -3.99 -7.31
CA VAL B 48 -12.83 -2.79 -6.50
C VAL B 48 -12.27 -1.64 -7.34
N ARG B 49 -11.44 -1.94 -8.34
CA ARG B 49 -10.92 -0.91 -9.21
C ARG B 49 -12.04 -0.13 -9.90
N ALA B 50 -13.22 -0.72 -10.06
CA ALA B 50 -14.34 -0.07 -10.70
C ALA B 50 -15.30 0.58 -9.70
N VAL B 51 -15.10 0.40 -8.40
CA VAL B 51 -16.02 0.97 -7.43
C VAL B 51 -15.78 2.47 -7.31
N ARG B 52 -16.86 3.24 -7.38
CA ARG B 52 -16.82 4.68 -7.17
C ARG B 52 -17.52 5.01 -5.86
N VAL B 53 -16.85 5.81 -5.04
CA VAL B 53 -17.34 6.16 -3.70
C VAL B 53 -17.95 7.55 -3.78
N VAL B 54 -19.27 7.64 -3.65
CA VAL B 54 -20.00 8.87 -3.88
C VAL B 54 -20.37 9.49 -2.54
N LEU B 55 -19.82 10.67 -2.28
CA LEU B 55 -20.10 11.42 -1.05
C LEU B 55 -21.12 12.52 -1.32
N GLY B 56 -21.77 12.96 -0.25
CA GLY B 56 -22.65 14.12 -0.33
C GLY B 56 -23.84 13.96 -1.25
N ALA B 57 -24.35 12.75 -1.41
CA ALA B 57 -25.46 12.49 -2.31
C ALA B 57 -26.77 12.41 -1.52
N HIS B 58 -27.87 12.61 -2.25
CA HIS B 58 -29.20 12.46 -1.67
C HIS B 58 -30.12 11.70 -2.62
N ASN B 59 -30.28 12.22 -3.84
CA ASN B 59 -31.12 11.58 -4.86
C ASN B 59 -30.20 11.02 -5.94
N LEU B 60 -30.09 9.69 -5.99
CA LEU B 60 -29.17 9.05 -6.94
C LEU B 60 -29.64 9.17 -8.38
N SER B 61 -30.92 9.50 -8.60
CA SER B 61 -31.41 9.68 -9.97
C SER B 61 -31.00 11.03 -10.58
N ARG B 62 -30.63 12.00 -9.76
CA ARG B 62 -30.24 13.33 -10.23
C ARG B 62 -28.73 13.49 -10.24
N ARG B 63 -28.27 14.39 -11.11
CA ARG B 63 -26.88 14.85 -11.11
C ARG B 63 -26.72 15.95 -10.07
N GLU B 64 -26.14 15.61 -8.91
CA GLU B 64 -26.09 16.53 -7.79
C GLU B 64 -24.71 17.17 -7.71
N PRO B 65 -24.58 18.50 -7.77
CA PRO B 65 -23.26 19.11 -7.65
C PRO B 65 -22.65 18.99 -6.27
N THR B 66 -23.44 18.61 -5.26
CA THR B 66 -22.91 18.44 -3.90
C THR B 66 -22.00 17.23 -3.78
N ARG B 67 -21.92 16.39 -4.82
CA ARG B 67 -21.25 15.10 -4.70
C ARG B 67 -19.74 15.25 -4.82
N GLN B 68 -19.03 14.35 -4.13
CA GLN B 68 -17.60 14.17 -4.31
C GLN B 68 -17.34 12.69 -4.54
N VAL B 69 -16.74 12.37 -5.67
CA VAL B 69 -16.52 10.98 -6.08
C VAL B 69 -15.05 10.64 -5.87
N PHE B 70 -14.81 9.43 -5.35
CA PHE B 70 -13.46 8.96 -5.11
C PHE B 70 -13.38 7.49 -5.50
N ALA B 71 -12.15 6.99 -5.62
CA ALA B 71 -11.90 5.59 -5.88
C ALA B 71 -11.23 4.95 -4.67
N VAL B 72 -11.23 3.63 -4.64
CA VAL B 72 -10.65 2.89 -3.53
C VAL B 72 -9.15 2.76 -3.77
N GLN B 73 -8.35 3.18 -2.79
CA GLN B 73 -6.91 3.09 -2.87
C GLN B 73 -6.34 1.89 -2.12
N ARG B 74 -6.84 1.59 -0.93
CA ARG B 74 -6.30 0.53 -0.09
C ARG B 74 -7.44 -0.13 0.67
N ILE B 75 -7.30 -1.43 0.90
CA ILE B 75 -8.34 -2.26 1.51
C ILE B 75 -7.83 -2.82 2.81
N PHE B 76 -8.64 -2.75 3.86
CA PHE B 76 -8.29 -3.27 5.18
C PHE B 76 -9.42 -4.14 5.69
N GLU B 77 -9.11 -5.40 6.00
CA GLU B 77 -10.06 -6.32 6.60
C GLU B 77 -9.39 -7.06 7.75
N ASN B 78 -10.14 -7.30 8.82
CA ASN B 78 -9.61 -7.92 10.05
C ASN B 78 -10.43 -9.16 10.39
N GLY B 79 -10.19 -10.24 9.66
CA GLY B 79 -10.81 -11.51 9.98
C GLY B 79 -12.24 -11.63 9.53
N TYR B 80 -12.58 -11.10 8.36
CA TYR B 80 -13.93 -11.22 7.84
C TYR B 80 -14.24 -12.68 7.55
N ASP B 81 -15.32 -13.18 8.15
CA ASP B 81 -15.72 -14.57 7.97
C ASP B 81 -16.88 -14.62 6.98
N PRO B 82 -16.65 -15.00 5.71
CA PRO B 82 -17.73 -14.93 4.72
C PRO B 82 -18.80 -16.00 4.90
N VAL B 83 -18.54 -17.06 5.66
CA VAL B 83 -19.54 -18.10 5.86
C VAL B 83 -20.51 -17.71 6.97
N ASN B 84 -19.98 -17.27 8.10
CA ASN B 84 -20.80 -16.88 9.25
C ASN B 84 -21.17 -15.41 9.25
N LEU B 85 -20.65 -14.63 8.30
CA LEU B 85 -20.83 -13.18 8.28
C LEU B 85 -20.48 -12.58 9.65
N LEU B 86 -19.24 -12.84 10.06
CA LEU B 86 -18.65 -12.25 11.25
C LEU B 86 -17.53 -11.31 10.83
N ASN B 87 -17.35 -10.23 11.60
CA ASN B 87 -16.38 -9.20 11.25
C ASN B 87 -16.64 -8.70 9.83
N ASP B 88 -17.93 -8.47 9.53
CA ASP B 88 -18.36 -8.02 8.21
C ASP B 88 -18.12 -6.50 8.12
N ILE B 89 -16.85 -6.15 8.10
CA ILE B 89 -16.42 -4.76 8.12
C ILE B 89 -15.17 -4.61 7.26
N VAL B 90 -15.12 -3.52 6.49
CA VAL B 90 -13.97 -3.20 5.66
C VAL B 90 -13.74 -1.71 5.71
N ILE B 91 -12.47 -1.31 5.84
CA ILE B 91 -12.07 0.09 5.77
C ILE B 91 -11.43 0.31 4.41
N LEU B 92 -11.99 1.25 3.65
CA LEU B 92 -11.52 1.55 2.30
C LEU B 92 -10.90 2.94 2.31
N GLN B 93 -9.59 2.99 2.06
CA GLN B 93 -8.90 4.27 1.91
C GLN B 93 -9.17 4.83 0.52
N LEU B 94 -9.44 6.12 0.47
CA LEU B 94 -9.78 6.78 -0.79
C LEU B 94 -8.52 7.28 -1.49
N ASN B 95 -8.66 7.53 -2.79
CA ASN B 95 -7.56 8.08 -3.57
C ASN B 95 -7.32 9.55 -3.30
N GLY B 96 -8.13 10.17 -2.44
CA GLY B 96 -7.93 11.54 -2.05
C GLY B 96 -8.64 11.81 -0.74
N SER B 97 -8.70 13.09 -0.39
CA SER B 97 -9.36 13.54 0.83
C SER B 97 -10.58 14.36 0.46
N ALA B 98 -11.70 14.07 1.13
CA ALA B 98 -12.93 14.79 0.86
C ALA B 98 -12.85 16.21 1.40
N THR B 99 -13.55 17.12 0.73
CA THR B 99 -13.69 18.50 1.19
C THR B 99 -14.88 18.55 2.14
N ILE B 100 -14.62 18.88 3.40
CA ILE B 100 -15.67 18.90 4.42
C ILE B 100 -16.52 20.15 4.23
N ASN B 101 -17.84 19.95 4.21
CA ASN B 101 -18.79 21.04 4.04
C ASN B 101 -20.13 20.59 4.60
N ALA B 102 -21.18 21.38 4.33
CA ALA B 102 -22.50 21.06 4.86
C ALA B 102 -22.97 19.68 4.42
N ASN B 103 -22.55 19.24 3.23
CA ASN B 103 -23.06 18.01 2.64
C ASN B 103 -22.12 16.82 2.82
N VAL B 104 -20.86 17.05 3.20
CA VAL B 104 -19.89 15.98 3.37
C VAL B 104 -19.18 16.21 4.70
N GLN B 105 -19.39 15.30 5.65
CA GLN B 105 -18.77 15.41 6.96
C GLN B 105 -18.43 14.02 7.47
N VAL B 106 -17.45 13.97 8.37
CA VAL B 106 -17.01 12.72 8.96
C VAL B 106 -17.96 12.34 10.09
N ALA B 107 -18.22 11.04 10.24
CA ALA B 107 -19.09 10.56 11.29
C ALA B 107 -18.31 10.39 12.59
N GLN B 108 -19.05 10.22 13.68
CA GLN B 108 -18.47 9.99 14.99
C GLN B 108 -18.69 8.55 15.40
N LEU B 109 -17.66 7.93 15.94
CA LEU B 109 -17.71 6.55 16.38
C LEU B 109 -17.84 6.49 17.90
N PRO B 110 -18.34 5.38 18.43
CA PRO B 110 -18.44 5.22 19.89
C PRO B 110 -17.10 4.79 20.48
N ALA B 111 -17.10 4.56 21.78
CA ALA B 111 -15.92 4.09 22.47
C ALA B 111 -15.75 2.59 22.27
N GLN B 112 -14.50 2.16 22.17
CA GLN B 112 -14.20 0.74 22.04
C GLN B 112 -14.91 -0.05 23.15
N GLY B 113 -15.67 -1.06 22.74
CA GLY B 113 -16.35 -1.93 23.67
C GLY B 113 -17.71 -1.45 24.12
N ARG B 114 -18.09 -0.22 23.78
CA ARG B 114 -19.40 0.30 24.17
C ARG B 114 -20.50 -0.56 23.54
N ARG B 115 -21.35 -1.13 24.39
CA ARG B 115 -22.42 -2.02 23.95
C ARG B 115 -23.77 -1.37 24.24
N LEU B 116 -24.68 -1.46 23.27
CA LEU B 116 -26.00 -0.87 23.39
C LEU B 116 -26.95 -1.87 24.04
N GLY B 117 -27.72 -1.40 25.01
CA GLY B 117 -28.67 -2.26 25.68
C GLY B 117 -29.97 -2.41 24.91
N ASN B 118 -30.73 -3.43 25.29
CA ASN B 118 -32.01 -3.68 24.65
C ASN B 118 -32.93 -2.48 24.87
N GLY B 119 -33.61 -2.07 23.79
CA GLY B 119 -34.55 -0.98 23.85
C GLY B 119 -34.02 0.34 23.34
N VAL B 120 -32.70 0.46 23.12
CA VAL B 120 -32.13 1.71 22.66
C VAL B 120 -32.69 2.08 21.30
N GLN B 121 -33.03 3.35 21.12
CA GLN B 121 -33.60 3.84 19.88
C GLN B 121 -32.49 4.28 18.93
N CYS B 122 -32.51 3.75 17.72
CA CYS B 122 -31.51 4.06 16.71
C CYS B 122 -32.21 4.43 15.41
N LEU B 123 -31.40 4.89 14.45
CA LEU B 123 -31.89 5.30 13.13
C LEU B 123 -31.07 4.59 12.07
N ALA B 124 -31.72 3.73 11.29
CA ALA B 124 -31.11 3.11 10.13
C ALA B 124 -31.37 3.97 8.88
N MET B 125 -30.65 3.66 7.82
CA MET B 125 -30.73 4.44 6.59
C MET B 125 -30.06 3.67 5.46
N GLY B 126 -30.36 4.06 4.24
CA GLY B 126 -29.72 3.48 3.08
C GLY B 126 -30.53 3.74 1.83
N TRP B 127 -29.92 3.38 0.70
CA TRP B 127 -30.56 3.46 -0.62
C TRP B 127 -31.02 2.09 -1.11
N GLY B 128 -31.21 1.13 -0.21
CA GLY B 128 -31.59 -0.21 -0.58
C GLY B 128 -33.01 -0.27 -1.12
N LEU B 129 -33.45 -1.51 -1.36
CA LEU B 129 -34.77 -1.74 -1.93
C LEU B 129 -35.86 -1.18 -1.02
N LEU B 130 -36.96 -0.76 -1.64
CA LEU B 130 -38.10 -0.21 -0.92
C LEU B 130 -39.09 -1.30 -0.55
N GLY B 135 -38.97 -0.35 -6.74
CA GLY B 135 -37.71 -1.07 -6.73
C GLY B 135 -36.66 -0.40 -5.85
N ILE B 136 -35.46 -0.21 -6.40
CA ILE B 136 -34.39 0.43 -5.65
C ILE B 136 -34.80 1.86 -5.32
N ALA B 137 -34.23 2.39 -4.24
CA ALA B 137 -34.53 3.74 -3.78
C ALA B 137 -33.57 4.75 -4.41
N SER B 138 -34.14 5.81 -4.97
CA SER B 138 -33.36 6.91 -5.52
C SER B 138 -33.00 7.92 -4.45
N VAL B 139 -33.98 8.33 -3.64
CA VAL B 139 -33.75 9.26 -2.54
C VAL B 139 -33.38 8.48 -1.29
N LEU B 140 -32.50 9.05 -0.47
CA LEU B 140 -32.07 8.40 0.75
C LEU B 140 -33.26 8.12 1.66
N GLN B 141 -33.32 6.90 2.18
CA GLN B 141 -34.33 6.49 3.15
C GLN B 141 -33.72 6.38 4.54
N GLU B 142 -34.57 6.58 5.55
CA GLU B 142 -34.17 6.37 6.94
C GLU B 142 -35.29 5.64 7.67
N LEU B 143 -34.94 5.08 8.82
CA LEU B 143 -35.86 4.19 9.54
C LEU B 143 -35.56 4.23 11.02
N ASN B 144 -36.56 4.54 11.83
CA ASN B 144 -36.46 4.44 13.28
C ASN B 144 -36.52 2.97 13.68
N VAL B 145 -35.50 2.50 14.41
CA VAL B 145 -35.44 1.11 14.85
C VAL B 145 -35.06 1.07 16.32
N THR B 146 -35.27 -0.09 16.94
CA THR B 146 -34.98 -0.31 18.35
C THR B 146 -34.01 -1.48 18.48
N VAL B 147 -32.98 -1.30 19.30
CA VAL B 147 -32.01 -2.38 19.53
C VAL B 147 -32.66 -3.51 20.29
N VAL B 148 -32.35 -4.74 19.89
CA VAL B 148 -32.79 -5.95 20.58
C VAL B 148 -31.60 -6.88 20.73
N THR B 149 -31.59 -7.64 21.82
CA THR B 149 -30.56 -8.64 22.06
C THR B 149 -31.06 -10.07 21.87
N SER B 150 -32.36 -10.28 21.87
CA SER B 150 -32.92 -11.62 21.65
C SER B 150 -32.83 -11.98 20.17
N LEU B 151 -32.56 -13.26 19.92
CA LEU B 151 -32.35 -13.76 18.55
C LEU B 151 -31.19 -13.05 17.88
N CYS B 152 -30.21 -12.64 18.67
CA CYS B 152 -29.04 -11.92 18.19
C CYS B 152 -27.79 -12.52 18.81
N ARG B 153 -26.70 -12.48 18.04
CA ARG B 153 -25.40 -12.94 18.53
C ARG B 153 -24.69 -11.80 19.25
N ARG B 154 -23.81 -12.18 20.18
CA ARG B 154 -23.00 -11.18 20.86
C ARG B 154 -22.06 -10.46 19.91
N SER B 155 -21.74 -11.07 18.77
CA SER B 155 -20.88 -10.46 17.76
C SER B 155 -21.65 -9.58 16.78
N ASN B 156 -22.89 -9.22 17.10
CA ASN B 156 -23.68 -8.35 16.24
C ASN B 156 -24.47 -7.38 17.10
N VAL B 157 -24.87 -6.27 16.47
CA VAL B 157 -25.88 -5.37 17.01
C VAL B 157 -27.13 -5.53 16.17
N CYS B 158 -28.23 -5.91 16.81
CA CYS B 158 -29.47 -6.20 16.11
C CYS B 158 -30.54 -5.18 16.46
N THR B 159 -31.41 -4.90 15.50
CA THR B 159 -32.50 -3.96 15.65
C THR B 159 -33.78 -4.58 15.13
N LEU B 160 -34.91 -4.03 15.56
CA LEU B 160 -36.22 -4.55 15.16
C LEU B 160 -37.25 -3.45 15.30
N VAL B 161 -38.05 -3.25 14.25
CA VAL B 161 -39.16 -2.30 14.29
C VAL B 161 -40.35 -3.00 14.94
N ARG B 162 -40.84 -2.47 16.05
CA ARG B 162 -41.96 -3.05 16.76
C ARG B 162 -43.27 -2.58 16.17
N GLY B 163 -44.20 -3.51 15.95
CA GLY B 163 -45.55 -3.19 15.55
C GLY B 163 -45.84 -3.25 14.07
N ARG B 164 -44.80 -3.40 13.23
CA ARG B 164 -45.01 -3.46 11.80
C ARG B 164 -43.78 -4.08 11.14
N GLN B 165 -43.95 -4.48 9.89
CA GLN B 165 -42.90 -5.15 9.13
C GLN B 165 -42.07 -4.10 8.42
N ALA B 166 -40.83 -3.91 8.88
CA ALA B 166 -39.94 -2.93 8.28
C ALA B 166 -38.51 -3.24 8.68
N GLY B 167 -37.58 -2.73 7.88
CA GLY B 167 -36.17 -2.93 8.15
C GLY B 167 -35.35 -2.68 6.90
N VAL B 168 -34.07 -3.02 7.00
CA VAL B 168 -33.12 -2.85 5.91
C VAL B 168 -33.37 -3.94 4.87
N CYS B 169 -32.81 -3.78 3.68
CA CYS B 169 -33.02 -4.74 2.60
C CYS B 169 -31.83 -4.69 1.66
N PHE B 170 -31.94 -5.42 0.55
CA PHE B 170 -30.88 -5.47 -0.44
C PHE B 170 -30.47 -4.07 -0.86
N GLY B 171 -29.16 -3.81 -0.85
CA GLY B 171 -28.62 -2.52 -1.16
C GLY B 171 -28.30 -1.66 0.04
N ASP B 172 -28.84 -2.01 1.21
CA ASP B 172 -28.57 -1.27 2.44
C ASP B 172 -27.32 -1.77 3.16
N SER B 173 -26.81 -2.95 2.79
CA SER B 173 -25.59 -3.47 3.40
C SER B 173 -24.48 -2.42 3.34
N GLY B 174 -23.68 -2.37 4.41
CA GLY B 174 -22.63 -1.38 4.53
C GLY B 174 -23.10 -0.04 5.03
N SER B 175 -24.40 0.22 5.08
CA SER B 175 -24.91 1.49 5.56
C SER B 175 -24.81 1.58 7.08
N PRO B 176 -24.72 2.78 7.63
CA PRO B 176 -24.53 2.92 9.08
C PRO B 176 -25.82 2.81 9.86
N LEU B 177 -25.66 2.43 11.12
CA LEU B 177 -26.72 2.50 12.12
C LEU B 177 -26.32 3.56 13.14
N VAL B 178 -27.14 4.60 13.26
CA VAL B 178 -26.84 5.74 14.11
C VAL B 178 -27.62 5.61 15.40
N CYS B 179 -26.90 5.63 16.53
CA CYS B 179 -27.50 5.59 17.86
C CYS B 179 -26.86 6.68 18.70
N ASN B 180 -27.68 7.62 19.16
CA ASN B 180 -27.18 8.75 19.97
C ASN B 180 -26.08 9.51 19.23
N GLY B 181 -26.29 9.71 17.93
CA GLY B 181 -25.34 10.46 17.13
C GLY B 181 -24.05 9.75 16.79
N LEU B 182 -23.94 8.47 17.13
CA LEU B 182 -22.74 7.70 16.86
C LEU B 182 -23.06 6.52 15.95
N ILE B 183 -22.07 6.11 15.16
CA ILE B 183 -22.23 5.01 14.21
C ILE B 183 -21.91 3.72 14.97
N HIS B 184 -22.96 3.02 15.40
CA HIS B 184 -22.80 1.80 16.17
C HIS B 184 -22.92 0.53 15.35
N GLY B 185 -23.42 0.62 14.12
CA GLY B 185 -23.68 -0.57 13.32
C GLY B 185 -23.40 -0.33 11.86
N ILE B 186 -23.04 -1.42 11.18
CA ILE B 186 -22.92 -1.47 9.73
C ILE B 186 -23.86 -2.55 9.24
N ALA B 187 -24.81 -2.19 8.39
CA ALA B 187 -25.79 -3.16 7.91
C ALA B 187 -25.10 -4.39 7.35
N SER B 188 -25.43 -5.55 7.91
CA SER B 188 -24.73 -6.79 7.59
C SER B 188 -25.63 -7.82 6.94
N PHE B 189 -26.73 -8.22 7.58
CA PHE B 189 -27.59 -9.24 7.00
C PHE B 189 -28.97 -9.22 7.66
N VAL B 190 -29.94 -9.77 6.93
CA VAL B 190 -31.29 -9.96 7.42
C VAL B 190 -31.60 -11.46 7.39
N ARG B 191 -32.69 -11.82 8.05
CA ARG B 191 -33.13 -13.21 8.12
C ARG B 191 -34.62 -13.27 7.80
N GLY B 192 -35.03 -14.38 7.18
CA GLY B 192 -36.41 -14.53 6.76
C GLY B 192 -36.86 -13.48 5.79
N GLY B 193 -35.96 -13.00 4.93
CA GLY B 193 -36.28 -11.93 4.01
C GLY B 193 -36.27 -10.57 4.69
N CYS B 194 -36.54 -9.55 3.89
CA CYS B 194 -36.60 -8.18 4.40
C CYS B 194 -37.92 -7.93 5.10
N ALA B 195 -37.86 -7.05 6.10
CA ALA B 195 -39.05 -6.64 6.85
C ALA B 195 -39.88 -7.85 7.26
N SER B 196 -39.20 -8.85 7.81
CA SER B 196 -39.88 -10.07 8.23
C SER B 196 -40.85 -9.81 9.38
N GLY B 197 -40.57 -8.81 10.22
CA GLY B 197 -41.35 -8.59 11.41
C GLY B 197 -41.09 -9.57 12.53
N LEU B 198 -40.20 -10.54 12.33
CA LEU B 198 -39.89 -11.56 13.32
C LEU B 198 -38.43 -11.60 13.70
N TYR B 199 -37.53 -11.61 12.70
CA TYR B 199 -36.11 -11.76 12.93
C TYR B 199 -35.42 -10.41 12.89
N PRO B 200 -34.67 -10.03 13.92
CA PRO B 200 -34.01 -8.71 13.90
C PRO B 200 -33.05 -8.57 12.73
N ASP B 201 -32.79 -7.32 12.36
CA ASP B 201 -31.75 -7.00 11.40
C ASP B 201 -30.41 -6.99 12.12
N ALA B 202 -29.37 -7.48 11.45
CA ALA B 202 -28.06 -7.66 12.05
C ALA B 202 -27.07 -6.63 11.48
N PHE B 203 -26.37 -5.94 12.37
CA PHE B 203 -25.36 -4.97 12.01
C PHE B 203 -24.01 -5.40 12.57
N ALA B 204 -22.95 -5.09 11.82
CA ALA B 204 -21.60 -5.32 12.33
C ALA B 204 -21.35 -4.39 13.50
N PRO B 205 -20.80 -4.88 14.62
CA PRO B 205 -20.66 -4.02 15.81
C PRO B 205 -19.45 -3.11 15.75
N VAL B 206 -19.66 -1.86 15.32
CA VAL B 206 -18.55 -0.93 15.12
C VAL B 206 -17.76 -0.75 16.40
N ALA B 207 -18.44 -0.74 17.56
CA ALA B 207 -17.74 -0.48 18.82
C ALA B 207 -16.63 -1.49 19.06
N GLN B 208 -16.82 -2.74 18.62
CA GLN B 208 -15.81 -3.77 18.84
C GLN B 208 -14.58 -3.59 17.94
N PHE B 209 -14.62 -2.66 16.99
CA PHE B 209 -13.53 -2.47 16.03
C PHE B 209 -12.95 -1.07 16.07
N VAL B 210 -13.27 -0.27 17.08
CA VAL B 210 -12.82 1.12 17.10
C VAL B 210 -11.30 1.19 17.17
N ASN B 211 -10.69 0.41 18.06
CA ASN B 211 -9.24 0.40 18.17
C ASN B 211 -8.59 0.05 16.83
N TRP B 212 -9.09 -0.99 16.17
CA TRP B 212 -8.55 -1.37 14.87
C TRP B 212 -8.66 -0.23 13.87
N ILE B 213 -9.82 0.42 13.82
CA ILE B 213 -10.01 1.55 12.91
C ILE B 213 -8.95 2.62 13.16
N ASP B 214 -8.75 3.00 14.42
CA ASP B 214 -7.78 4.03 14.75
C ASP B 214 -6.38 3.64 14.29
N SER B 215 -6.04 2.36 14.43
CA SER B 215 -4.71 1.90 14.01
C SER B 215 -4.50 2.09 12.52
N ILE B 216 -5.58 2.14 11.74
CA ILE B 216 -5.48 2.27 10.29
C ILE B 216 -5.43 3.73 9.87
N ILE B 217 -6.30 4.56 10.43
CA ILE B 217 -6.36 5.97 10.08
C ILE B 217 -5.37 6.74 10.94
N GLN B 218 -4.52 6.01 11.64
CA GLN B 218 -3.54 6.59 12.56
C GLN B 218 -4.18 7.52 13.59
N ILE C 1 26.04 24.06 -7.96
CA ILE C 1 27.22 23.27 -8.29
C ILE C 1 28.25 24.15 -8.98
N VAL C 2 29.46 24.21 -8.40
CA VAL C 2 30.55 25.02 -8.93
C VAL C 2 31.51 24.09 -9.67
N GLY C 3 31.79 24.42 -10.93
CA GLY C 3 32.74 23.65 -11.70
C GLY C 3 32.22 22.37 -12.30
N GLY C 4 30.91 22.19 -12.38
CA GLY C 4 30.31 21.01 -12.97
C GLY C 4 30.00 21.21 -14.43
N ARG C 5 29.06 20.40 -14.93
CA ARG C 5 28.64 20.44 -16.32
C ARG C 5 27.13 20.31 -16.39
N ARG C 6 26.58 20.69 -17.55
CA ARG C 6 25.15 20.55 -17.77
C ARG C 6 24.78 19.07 -17.84
N ALA C 7 23.71 18.70 -17.13
CA ALA C 7 23.22 17.33 -17.17
C ALA C 7 22.43 17.08 -18.44
N ARG C 8 22.38 15.81 -18.84
CA ARG C 8 21.54 15.45 -19.98
C ARG C 8 20.08 15.60 -19.59
N PRO C 9 19.23 16.18 -20.45
CA PRO C 9 17.84 16.43 -20.06
C PRO C 9 17.18 15.19 -19.46
N HIS C 10 16.76 15.32 -18.20
CA HIS C 10 16.02 14.26 -17.50
C HIS C 10 16.88 13.01 -17.29
N ALA C 11 18.20 13.18 -17.26
CA ALA C 11 19.08 12.06 -16.96
C ALA C 11 18.82 11.49 -15.58
N TRP C 12 18.31 12.33 -14.67
CA TRP C 12 18.09 11.94 -13.27
C TRP C 12 16.64 12.23 -12.93
N PRO C 13 15.71 11.38 -13.41
CA PRO C 13 14.28 11.68 -13.23
C PRO C 13 13.83 11.74 -11.78
N PHE C 14 14.67 11.33 -10.84
CA PHE C 14 14.36 11.44 -9.43
C PHE C 14 14.71 12.81 -8.85
N MET C 15 15.35 13.67 -9.63
CA MET C 15 15.83 14.95 -9.13
C MET C 15 14.68 15.94 -8.95
N VAL C 16 14.64 16.58 -7.78
CA VAL C 16 13.53 17.44 -7.41
C VAL C 16 14.05 18.84 -7.09
N SER C 17 13.21 19.83 -7.38
CA SER C 17 13.49 21.23 -7.05
C SER C 17 12.43 21.72 -6.07
N LEU C 18 12.87 22.16 -4.90
CA LEU C 18 11.99 22.78 -3.92
C LEU C 18 12.04 24.29 -4.12
N GLN C 19 10.87 24.91 -4.30
CA GLN C 19 10.82 26.32 -4.69
C GLN C 19 9.85 27.11 -3.83
N LEU C 20 10.27 28.32 -3.47
CA LEU C 20 9.42 29.31 -2.82
C LEU C 20 9.25 30.49 -3.77
N ARG C 21 8.00 30.94 -3.94
CA ARG C 21 7.69 32.09 -4.79
C ARG C 21 8.42 32.01 -6.13
N GLY C 22 8.30 30.87 -6.79
CA GLY C 22 8.91 30.68 -8.09
C GLY C 22 10.42 30.48 -8.08
N GLY C 23 11.06 30.52 -6.91
CA GLY C 23 12.51 30.48 -6.83
C GLY C 23 13.01 29.21 -6.16
N HIS C 24 13.89 28.52 -6.88
CA HIS C 24 14.55 27.34 -6.32
C HIS C 24 15.40 27.72 -5.12
N PHE C 25 15.23 26.99 -4.02
CA PHE C 25 16.05 27.20 -2.82
C PHE C 25 16.70 25.93 -2.30
N CYS C 26 16.26 24.75 -2.74
CA CYS C 26 16.89 23.51 -2.31
C CYS C 26 16.54 22.39 -3.27
N GLY C 27 17.33 21.32 -3.21
CA GLY C 27 17.05 20.12 -3.94
C GLY C 27 16.39 19.06 -3.06
N ALA C 28 15.98 17.97 -3.70
CA ALA C 28 15.37 16.85 -3.02
C ALA C 28 15.37 15.65 -3.96
N THR C 29 14.95 14.50 -3.44
CA THR C 29 14.98 13.26 -4.20
C THR C 29 13.64 12.55 -4.06
N LEU C 30 13.05 12.17 -5.19
CA LEU C 30 11.83 11.39 -5.19
C LEU C 30 12.17 9.96 -4.80
N ILE C 31 11.82 9.56 -3.59
CA ILE C 31 12.08 8.22 -3.08
C ILE C 31 10.84 7.35 -3.10
N ALA C 32 9.70 7.90 -3.50
CA ALA C 32 8.45 7.16 -3.64
C ALA C 32 7.46 8.06 -4.35
N PRO C 33 6.40 7.48 -4.92
CA PRO C 33 5.46 8.30 -5.70
C PRO C 33 4.91 9.50 -4.92
N ASN C 34 4.81 9.41 -3.59
CA ASN C 34 4.25 10.49 -2.79
C ASN C 34 5.18 10.88 -1.65
N PHE C 35 6.48 10.66 -1.81
CA PHE C 35 7.46 11.07 -0.80
C PHE C 35 8.72 11.56 -1.49
N VAL C 36 9.27 12.67 -0.98
CA VAL C 36 10.59 13.14 -1.38
C VAL C 36 11.49 13.18 -0.14
N MET C 37 12.79 13.32 -0.39
CA MET C 37 13.80 13.29 0.65
C MET C 37 14.74 14.48 0.44
N SER C 38 14.95 15.26 1.49
CA SER C 38 15.75 16.48 1.39
C SER C 38 16.47 16.69 2.72
N ALA C 39 17.08 17.86 2.88
CA ALA C 39 17.79 18.21 4.10
C ALA C 39 16.85 18.94 5.06
N ALA C 40 16.98 18.62 6.35
CA ALA C 40 16.10 19.23 7.35
C ALA C 40 16.27 20.74 7.40
N HIS C 41 17.49 21.23 7.19
CA HIS C 41 17.70 22.67 7.24
C HIS C 41 17.13 23.39 6.02
N CYS C 42 16.72 22.64 4.99
CA CYS C 42 16.11 23.27 3.82
C CYS C 42 14.69 23.75 4.12
N VAL C 43 14.02 23.13 5.08
CA VAL C 43 12.68 23.54 5.48
C VAL C 43 12.68 24.20 6.85
N ALA C 44 13.85 24.44 7.43
CA ALA C 44 13.95 25.16 8.68
C ALA C 44 13.81 26.67 8.45
N ASN C 45 13.00 27.33 9.27
CA ASN C 45 12.80 28.77 9.21
C ASN C 45 12.30 29.20 7.82
N VAL C 46 11.40 28.40 7.25
CA VAL C 46 10.67 28.78 6.04
C VAL C 46 9.21 28.40 6.22
N ASN C 47 8.36 28.98 5.39
CA ASN C 47 6.93 28.67 5.39
C ASN C 47 6.74 27.45 4.48
N VAL C 48 6.60 26.27 5.10
CA VAL C 48 6.48 25.04 4.32
C VAL C 48 5.19 25.01 3.53
N ARG C 49 4.13 25.67 4.01
CA ARG C 49 2.87 25.68 3.27
C ARG C 49 3.05 26.28 1.88
N ALA C 50 4.06 27.12 1.68
CA ALA C 50 4.32 27.77 0.41
C ALA C 50 5.33 27.03 -0.45
N VAL C 51 5.92 25.96 0.06
CA VAL C 51 6.95 25.24 -0.67
C VAL C 51 6.30 24.47 -1.83
N ARG C 52 6.91 24.58 -3.01
CA ARG C 52 6.46 23.88 -4.20
C ARG C 52 7.45 22.75 -4.50
N VAL C 53 6.94 21.55 -4.68
CA VAL C 53 7.77 20.38 -4.97
C VAL C 53 7.65 20.11 -6.47
N VAL C 54 8.70 20.42 -7.21
CA VAL C 54 8.66 20.38 -8.67
C VAL C 54 9.43 19.15 -9.13
N LEU C 55 8.71 18.21 -9.76
CA LEU C 55 9.30 16.99 -10.28
C LEU C 55 9.52 17.09 -11.78
N GLY C 56 10.44 16.27 -12.29
CA GLY C 56 10.64 16.16 -13.72
C GLY C 56 11.11 17.42 -14.39
N ALA C 57 11.87 18.25 -13.70
CA ALA C 57 12.35 19.52 -14.24
C ALA C 57 13.77 19.36 -14.77
N HIS C 58 14.14 20.28 -15.65
CA HIS C 58 15.50 20.33 -16.18
C HIS C 58 16.01 21.76 -16.23
N ASN C 59 15.30 22.63 -16.94
CA ASN C 59 15.67 24.04 -17.06
C ASN C 59 14.64 24.86 -16.28
N LEU C 60 15.06 25.40 -15.12
CA LEU C 60 14.12 26.11 -14.25
C LEU C 60 13.69 27.45 -14.82
N SER C 61 14.44 28.00 -15.78
CA SER C 61 14.05 29.25 -16.40
C SER C 61 12.94 29.08 -17.43
N ARG C 62 12.68 27.85 -17.86
CA ARG C 62 11.70 27.56 -18.89
C ARG C 62 10.44 26.98 -18.26
N ARG C 63 9.31 27.18 -18.94
CA ARG C 63 8.06 26.53 -18.54
C ARG C 63 8.01 25.17 -19.20
N GLU C 64 8.29 24.12 -18.42
CA GLU C 64 8.46 22.78 -18.97
C GLU C 64 7.20 21.97 -18.75
N PRO C 65 6.57 21.43 -19.81
CA PRO C 65 5.38 20.59 -19.60
C PRO C 65 5.67 19.26 -18.93
N THR C 66 6.95 18.86 -18.84
CA THR C 66 7.31 17.63 -18.16
C THR C 66 7.13 17.71 -16.65
N ARG C 67 6.85 18.90 -16.11
CA ARG C 67 6.88 19.08 -14.67
C ARG C 67 5.60 18.56 -14.01
N GLN C 68 5.76 18.11 -12.77
CA GLN C 68 4.64 17.81 -11.88
C GLN C 68 4.92 18.52 -10.57
N VAL C 69 4.00 19.38 -10.15
CA VAL C 69 4.18 20.20 -8.96
C VAL C 69 3.29 19.66 -7.85
N PHE C 70 3.83 19.64 -6.64
CA PHE C 70 3.11 19.15 -5.47
C PHE C 70 3.40 20.07 -4.29
N ALA C 71 2.59 19.92 -3.25
CA ALA C 71 2.77 20.63 -1.99
C ALA C 71 3.12 19.62 -0.90
N VAL C 72 3.64 20.13 0.21
CA VAL C 72 4.06 19.28 1.31
C VAL C 72 2.84 18.97 2.19
N GLN C 73 2.61 17.68 2.44
CA GLN C 73 1.51 17.24 3.29
C GLN C 73 1.97 16.90 4.70
N ARG C 74 3.12 16.23 4.85
CA ARG C 74 3.59 15.78 6.15
C ARG C 74 5.11 15.89 6.22
N ILE C 75 5.60 16.17 7.42
CA ILE C 75 7.02 16.39 7.67
C ILE C 75 7.50 15.35 8.68
N PHE C 76 8.63 14.72 8.37
CA PHE C 76 9.24 13.73 9.24
C PHE C 76 10.70 14.08 9.45
N GLU C 77 11.09 14.25 10.71
CA GLU C 77 12.48 14.50 11.08
C GLU C 77 12.84 13.60 12.26
N ASN C 78 14.06 13.07 12.26
CA ASN C 78 14.52 12.11 13.26
C ASN C 78 15.79 12.63 13.92
N GLY C 79 15.64 13.62 14.79
CA GLY C 79 16.76 14.11 15.57
C GLY C 79 17.70 15.06 14.84
N TYR C 80 17.17 15.94 14.00
CA TYR C 80 17.99 16.90 13.30
C TYR C 80 18.61 17.88 14.30
N ASP C 81 19.94 17.98 14.29
CA ASP C 81 20.67 18.88 15.19
C ASP C 81 21.10 20.11 14.40
N PRO C 82 20.42 21.25 14.54
CA PRO C 82 20.75 22.40 13.68
C PRO C 82 22.06 23.09 14.02
N VAL C 83 22.62 22.86 15.20
CA VAL C 83 23.88 23.48 15.56
C VAL C 83 25.05 22.68 15.00
N ASN C 84 25.02 21.36 15.20
CA ASN C 84 26.07 20.48 14.72
C ASN C 84 25.81 19.95 13.32
N LEU C 85 24.66 20.26 12.74
CA LEU C 85 24.25 19.72 11.43
C LEU C 85 24.41 18.21 11.41
N LEU C 86 23.71 17.55 12.33
CA LEU C 86 23.62 16.11 12.38
C LEU C 86 22.19 15.67 12.04
N ASN C 87 22.07 14.53 11.38
CA ASN C 87 20.78 14.01 10.95
C ASN C 87 20.05 15.06 10.10
N ASP C 88 20.78 15.67 9.18
CA ASP C 88 20.22 16.71 8.31
C ASP C 88 19.42 16.06 7.19
N ILE C 89 18.29 15.46 7.59
CA ILE C 89 17.43 14.73 6.67
C ILE C 89 15.99 14.96 7.09
N VAL C 90 15.13 15.16 6.10
CA VAL C 90 13.69 15.31 6.31
C VAL C 90 12.98 14.57 5.19
N ILE C 91 11.94 13.83 5.54
CA ILE C 91 11.08 13.15 4.57
C ILE C 91 9.81 13.97 4.44
N LEU C 92 9.51 14.39 3.22
CA LEU C 92 8.36 15.24 2.94
C LEU C 92 7.34 14.42 2.15
N GLN C 93 6.19 14.16 2.76
CA GLN C 93 5.09 13.53 2.05
C GLN C 93 4.35 14.57 1.22
N LEU C 94 4.02 14.20 -0.01
CA LEU C 94 3.36 15.11 -0.94
C LEU C 94 1.85 15.05 -0.79
N ASN C 95 1.18 16.09 -1.28
CA ASN C 95 -0.27 16.16 -1.28
C ASN C 95 -0.90 15.24 -2.33
N GLY C 96 -0.10 14.53 -3.11
CA GLY C 96 -0.59 13.58 -4.07
C GLY C 96 0.48 12.57 -4.42
N SER C 97 0.21 11.79 -5.45
CA SER C 97 1.14 10.79 -5.94
C SER C 97 1.60 11.18 -7.34
N ALA C 98 2.91 11.10 -7.56
CA ALA C 98 3.45 11.45 -8.87
C ALA C 98 3.15 10.36 -9.89
N THR C 99 3.00 10.78 -11.14
CA THR C 99 2.86 9.86 -12.26
C THR C 99 4.26 9.49 -12.76
N ILE C 100 4.60 8.21 -12.65
CA ILE C 100 5.92 7.75 -13.06
C ILE C 100 5.98 7.69 -14.57
N ASN C 101 7.04 8.26 -15.15
CA ASN C 101 7.23 8.28 -16.59
C ASN C 101 8.72 8.51 -16.86
N ALA C 102 9.05 8.78 -18.12
CA ALA C 102 10.45 8.98 -18.49
C ALA C 102 11.10 10.09 -17.68
N ASN C 103 10.32 11.10 -17.29
CA ASN C 103 10.85 12.29 -16.64
C ASN C 103 10.71 12.26 -15.12
N VAL C 104 9.88 11.38 -14.57
CA VAL C 104 9.64 11.29 -13.14
C VAL C 104 9.76 9.83 -12.74
N GLN C 105 10.77 9.50 -11.93
CA GLN C 105 10.99 8.14 -11.48
C GLN C 105 11.51 8.16 -10.05
N VAL C 106 11.27 7.06 -9.34
CA VAL C 106 11.71 6.93 -7.96
C VAL C 106 13.16 6.51 -7.92
N ALA C 107 13.90 7.03 -6.93
CA ALA C 107 15.30 6.71 -6.78
C ALA C 107 15.47 5.41 -6.00
N GLN C 108 16.68 4.88 -6.03
CA GLN C 108 17.04 3.68 -5.28
C GLN C 108 17.93 4.05 -4.10
N LEU C 109 17.62 3.47 -2.95
CA LEU C 109 18.40 3.72 -1.74
C LEU C 109 19.31 2.54 -1.43
N PRO C 110 20.37 2.77 -0.66
CA PRO C 110 21.28 1.68 -0.31
C PRO C 110 20.73 0.85 0.86
N ALA C 111 21.52 -0.13 1.27
CA ALA C 111 21.16 -0.96 2.40
C ALA C 111 21.46 -0.24 3.71
N GLN C 112 20.60 -0.44 4.70
CA GLN C 112 20.83 0.15 6.01
C GLN C 112 22.23 -0.18 6.51
N GLY C 113 22.97 0.86 6.88
CA GLY C 113 24.30 0.69 7.42
C GLY C 113 25.40 0.61 6.39
N ARG C 114 25.07 0.52 5.11
CA ARG C 114 26.08 0.47 4.06
C ARG C 114 26.91 1.75 4.08
N ARG C 115 28.21 1.59 4.29
CA ARG C 115 29.13 2.72 4.39
C ARG C 115 30.12 2.66 3.23
N LEU C 116 30.37 3.81 2.61
CA LEU C 116 31.23 3.89 1.45
C LEU C 116 32.67 4.14 1.87
N GLY C 117 33.59 3.39 1.25
CA GLY C 117 35.00 3.56 1.54
C GLY C 117 35.61 4.70 0.77
N ASN C 118 36.79 5.12 1.24
CA ASN C 118 37.51 6.22 0.60
C ASN C 118 37.84 5.86 -0.84
N GLY C 119 37.62 6.82 -1.75
CA GLY C 119 37.93 6.63 -3.15
C GLY C 119 36.74 6.33 -4.04
N VAL C 120 35.58 6.02 -3.47
CA VAL C 120 34.42 5.69 -4.29
C VAL C 120 34.02 6.87 -5.16
N GLN C 121 33.71 6.59 -6.41
CA GLN C 121 33.33 7.62 -7.37
C GLN C 121 31.81 7.84 -7.31
N CYS C 122 31.40 9.09 -7.11
CA CYS C 122 30.00 9.44 -7.00
C CYS C 122 29.70 10.63 -7.92
N LEU C 123 28.41 10.94 -8.04
CA LEU C 123 27.93 12.03 -8.87
C LEU C 123 27.02 12.92 -8.04
N ALA C 124 27.45 14.15 -7.80
CA ALA C 124 26.59 15.15 -7.18
C ALA C 124 25.86 15.95 -8.25
N MET C 125 24.85 16.70 -7.82
CA MET C 125 24.02 17.43 -8.77
C MET C 125 23.17 18.44 -8.03
N GLY C 126 22.62 19.39 -8.78
CA GLY C 126 21.73 20.37 -8.22
C GLY C 126 21.60 21.58 -9.12
N TRP C 127 20.66 22.45 -8.74
CA TRP C 127 20.46 23.73 -9.41
C TRP C 127 21.05 24.89 -8.63
N GLY C 128 22.01 24.63 -7.74
CA GLY C 128 22.59 25.67 -6.92
C GLY C 128 23.46 26.61 -7.72
N LEU C 129 24.07 27.55 -7.00
CA LEU C 129 24.89 28.58 -7.63
C LEU C 129 26.07 27.96 -8.37
N LEU C 130 26.49 28.63 -9.44
CA LEU C 130 27.61 28.18 -10.26
C LEU C 130 28.96 28.73 -9.82
N GLY C 131 28.98 29.71 -8.92
CA GLY C 131 30.23 30.19 -8.35
C GLY C 131 30.23 31.69 -8.25
N ARG C 132 31.42 32.25 -8.04
CA ARG C 132 31.60 33.69 -7.95
C ARG C 132 31.62 34.31 -9.33
N ASN C 133 30.96 35.45 -9.48
CA ASN C 133 30.80 36.13 -10.76
C ASN C 133 30.22 35.20 -11.82
N ARG C 134 29.61 34.10 -11.38
CA ARG C 134 28.82 33.23 -12.23
C ARG C 134 27.33 33.49 -11.96
N GLY C 135 26.50 33.08 -12.90
CA GLY C 135 25.08 33.33 -12.80
C GLY C 135 24.33 32.25 -12.06
N ILE C 136 23.02 32.47 -11.91
CA ILE C 136 22.14 31.42 -11.44
C ILE C 136 22.25 30.22 -12.38
N ALA C 137 22.00 29.03 -11.85
CA ALA C 137 22.00 27.83 -12.67
C ALA C 137 20.58 27.62 -13.20
N SER C 138 20.43 27.59 -14.52
CA SER C 138 19.14 27.29 -15.13
C SER C 138 19.00 25.80 -15.38
N VAL C 139 19.98 25.20 -16.03
CA VAL C 139 19.98 23.79 -16.35
C VAL C 139 20.60 23.01 -15.21
N LEU C 140 20.08 21.80 -14.98
CA LEU C 140 20.60 20.96 -13.92
C LEU C 140 22.09 20.73 -14.13
N GLN C 141 22.87 20.90 -13.06
CA GLN C 141 24.30 20.65 -13.10
C GLN C 141 24.59 19.32 -12.42
N GLU C 142 25.66 18.66 -12.86
CA GLU C 142 26.14 17.44 -12.22
C GLU C 142 27.66 17.54 -12.10
N LEU C 143 28.22 16.73 -11.22
CA LEU C 143 29.63 16.85 -10.88
C LEU C 143 30.18 15.53 -10.39
N ASN C 144 31.27 15.08 -11.02
CA ASN C 144 31.99 13.90 -10.55
C ASN C 144 32.76 14.25 -9.28
N VAL C 145 32.53 13.48 -8.22
CA VAL C 145 33.20 13.68 -6.94
C VAL C 145 33.72 12.34 -6.44
N THR C 146 34.60 12.42 -5.45
CA THR C 146 35.22 11.23 -4.86
C THR C 146 34.97 11.23 -3.36
N VAL C 147 34.55 10.07 -2.84
CA VAL C 147 34.32 9.94 -1.40
C VAL C 147 35.64 10.05 -0.65
N VAL C 148 35.62 10.78 0.46
CA VAL C 148 36.78 10.92 1.33
C VAL C 148 36.34 10.72 2.78
N THR C 149 37.25 10.16 3.59
CA THR C 149 37.03 9.99 5.01
C THR C 149 37.85 10.95 5.87
N SER C 150 38.90 11.56 5.30
CA SER C 150 39.69 12.53 6.04
C SER C 150 38.94 13.85 6.13
N LEU C 151 39.06 14.52 7.28
CA LEU C 151 38.31 15.74 7.55
C LEU C 151 36.81 15.49 7.48
N CYS C 152 36.37 14.29 7.84
CA CYS C 152 34.96 13.94 7.78
C CYS C 152 34.55 13.24 9.07
N ARG C 153 33.31 13.48 9.48
CA ARG C 153 32.73 12.83 10.64
C ARG C 153 32.08 11.52 10.20
N ARG C 154 31.99 10.58 11.14
CA ARG C 154 31.32 9.31 10.84
C ARG C 154 29.84 9.50 10.57
N SER C 155 29.26 10.61 11.04
CA SER C 155 27.85 10.93 10.82
C SER C 155 27.62 11.64 9.49
N ASN C 156 28.60 11.62 8.58
CA ASN C 156 28.44 12.24 7.28
C ASN C 156 29.11 11.38 6.23
N VAL C 157 28.68 11.58 4.98
CA VAL C 157 29.42 11.10 3.81
C VAL C 157 30.01 12.34 3.15
N CYS C 158 31.33 12.37 3.04
CA CYS C 158 32.03 13.54 2.52
C CYS C 158 32.64 13.23 1.17
N THR C 159 32.67 14.25 0.32
CA THR C 159 33.20 14.14 -1.03
C THR C 159 34.14 15.29 -1.31
N LEU C 160 35.00 15.08 -2.30
CA LEU C 160 35.99 16.09 -2.67
C LEU C 160 36.38 15.85 -4.12
N VAL C 161 36.38 16.91 -4.92
CA VAL C 161 36.85 16.82 -6.30
C VAL C 161 38.37 16.91 -6.29
N ARG C 162 39.02 15.88 -6.79
CA ARG C 162 40.47 15.82 -6.79
C ARG C 162 41.05 16.56 -7.99
N GLY C 163 42.03 17.42 -7.72
CA GLY C 163 42.77 18.09 -8.76
C GLY C 163 42.27 19.47 -9.13
N ARG C 164 41.10 19.89 -8.64
CA ARG C 164 40.59 21.21 -8.96
C ARG C 164 39.54 21.58 -7.92
N GLN C 165 39.23 22.88 -7.85
CA GLN C 165 38.30 23.40 -6.86
C GLN C 165 36.90 23.38 -7.43
N ALA C 166 36.05 22.52 -6.89
CA ALA C 166 34.67 22.37 -7.34
C ALA C 166 33.88 21.66 -6.26
N GLY C 167 32.57 21.82 -6.30
CA GLY C 167 31.71 21.17 -5.33
C GLY C 167 30.34 21.82 -5.29
N VAL C 168 29.56 21.42 -4.28
CA VAL C 168 28.22 21.95 -4.10
C VAL C 168 28.29 23.38 -3.56
N CYS C 169 27.17 24.08 -3.66
CA CYS C 169 27.12 25.47 -3.22
C CYS C 169 25.67 25.82 -2.88
N PHE C 170 25.40 27.09 -2.60
CA PHE C 170 24.07 27.54 -2.23
C PHE C 170 23.04 27.06 -3.24
N GLY C 171 21.95 26.48 -2.74
CA GLY C 171 20.90 25.94 -3.57
C GLY C 171 20.99 24.45 -3.81
N ASP C 172 22.15 23.84 -3.56
CA ASP C 172 22.33 22.41 -3.72
C ASP C 172 21.94 21.62 -2.47
N SER C 173 21.75 22.30 -1.34
CA SER C 173 21.32 21.61 -0.13
C SER C 173 20.10 20.75 -0.40
N GLY C 174 20.08 19.56 0.21
CA GLY C 174 19.00 18.62 -0.03
C GLY C 174 19.13 17.81 -1.29
N SER C 175 20.07 18.16 -2.18
CA SER C 175 20.23 17.43 -3.42
C SER C 175 20.89 16.08 -3.18
N PRO C 176 20.66 15.11 -4.06
CA PRO C 176 21.20 13.77 -3.84
C PRO C 176 22.64 13.63 -4.28
N LEU C 177 23.31 12.65 -3.67
CA LEU C 177 24.62 12.18 -4.09
C LEU C 177 24.46 10.75 -4.59
N VAL C 178 24.79 10.52 -5.85
CA VAL C 178 24.58 9.23 -6.49
C VAL C 178 25.89 8.47 -6.51
N CYS C 179 25.90 7.26 -5.94
CA CYS C 179 27.06 6.39 -5.96
C CYS C 179 26.60 5.01 -6.38
N ASN C 180 27.09 4.52 -7.50
CA ASN C 180 26.72 3.19 -8.01
C ASN C 180 25.21 3.10 -8.19
N GLY C 181 24.59 4.17 -8.69
CA GLY C 181 23.17 4.17 -8.92
C GLY C 181 22.31 4.29 -7.68
N LEU C 182 22.91 4.51 -6.52
CA LEU C 182 22.18 4.61 -5.27
C LEU C 182 22.41 5.98 -4.63
N ILE C 183 21.40 6.44 -3.90
CA ILE C 183 21.45 7.74 -3.23
C ILE C 183 22.07 7.54 -1.86
N HIS C 184 23.36 7.86 -1.74
CA HIS C 184 24.09 7.70 -0.49
C HIS C 184 24.21 8.99 0.31
N GLY C 185 23.88 10.13 -0.27
CA GLY C 185 24.08 11.40 0.42
C GLY C 185 23.00 12.41 0.10
N ILE C 186 22.78 13.31 1.06
CA ILE C 186 21.94 14.50 0.87
C ILE C 186 22.81 15.70 1.18
N ALA C 187 22.96 16.60 0.21
CA ALA C 187 23.81 17.77 0.39
C ALA C 187 23.45 18.52 1.66
N SER C 188 24.43 18.69 2.55
CA SER C 188 24.20 19.24 3.87
C SER C 188 24.95 20.54 4.11
N PHE C 189 26.27 20.57 3.97
CA PHE C 189 27.01 21.80 4.23
C PHE C 189 28.40 21.72 3.62
N VAL C 190 28.99 22.89 3.43
CA VAL C 190 30.36 23.04 2.96
C VAL C 190 31.17 23.74 4.05
N ARG C 191 32.48 23.73 3.89
CA ARG C 191 33.39 24.41 4.80
C ARG C 191 34.38 25.25 4.00
N GLY C 192 34.77 26.37 4.58
CA GLY C 192 35.65 27.30 3.87
C GLY C 192 35.05 27.83 2.59
N GLY C 193 33.73 28.01 2.54
CA GLY C 193 33.08 28.44 1.34
C GLY C 193 32.91 27.31 0.34
N CYS C 194 32.33 27.65 -0.80
CA CYS C 194 32.13 26.67 -1.86
C CYS C 194 33.44 26.46 -2.62
N ALA C 195 33.63 25.24 -3.11
CA ALA C 195 34.81 24.88 -3.90
C ALA C 195 36.08 25.41 -3.24
N SER C 196 36.18 25.15 -1.93
CA SER C 196 37.34 25.61 -1.18
C SER C 196 38.63 24.93 -1.63
N GLY C 197 38.53 23.70 -2.12
CA GLY C 197 39.70 22.92 -2.45
C GLY C 197 40.42 22.32 -1.26
N LEU C 198 39.93 22.56 -0.05
CA LEU C 198 40.56 22.08 1.18
C LEU C 198 39.62 21.20 2.00
N TYR C 199 38.39 21.66 2.23
CA TYR C 199 37.44 20.92 3.04
C TYR C 199 36.44 20.18 2.15
N PRO C 200 36.27 18.88 2.34
CA PRO C 200 35.27 18.14 1.54
C PRO C 200 33.87 18.69 1.77
N ASP C 201 33.00 18.38 0.81
CA ASP C 201 31.58 18.66 0.97
C ASP C 201 30.95 17.58 1.84
N ALA C 202 29.99 17.98 2.69
CA ALA C 202 29.39 17.08 3.65
C ALA C 202 27.95 16.76 3.23
N PHE C 203 27.63 15.47 3.21
CA PHE C 203 26.30 14.98 2.89
C PHE C 203 25.73 14.20 4.06
N ALA C 204 24.43 14.29 4.24
CA ALA C 204 23.76 13.46 5.24
C ALA C 204 23.84 12.00 4.80
N PRO C 205 24.18 11.08 5.71
CA PRO C 205 24.37 9.69 5.28
C PRO C 205 23.06 8.93 5.14
N VAL C 206 22.56 8.82 3.91
CA VAL C 206 21.25 8.20 3.68
C VAL C 206 21.23 6.77 4.20
N ALA C 207 22.35 6.06 4.06
CA ALA C 207 22.39 4.66 4.47
C ALA C 207 22.06 4.50 5.95
N GLN C 208 22.44 5.47 6.78
CA GLN C 208 22.19 5.38 8.21
C GLN C 208 20.72 5.58 8.56
N PHE C 209 19.87 5.95 7.59
CA PHE C 209 18.47 6.25 7.85
C PHE C 209 17.50 5.41 7.03
N VAL C 210 17.96 4.33 6.40
CA VAL C 210 17.10 3.57 5.50
C VAL C 210 15.95 2.92 6.29
N ASN C 211 16.26 2.29 7.42
CA ASN C 211 15.21 1.67 8.22
C ASN C 211 14.14 2.68 8.61
N TRP C 212 14.58 3.84 9.11
CA TRP C 212 13.63 4.89 9.50
C TRP C 212 12.78 5.32 8.31
N ILE C 213 13.42 5.54 7.15
CA ILE C 213 12.68 5.94 5.95
C ILE C 213 11.61 4.91 5.63
N ASP C 214 11.99 3.62 5.62
CA ASP C 214 11.03 2.57 5.32
C ASP C 214 9.86 2.57 6.29
N SER C 215 10.12 2.85 7.57
CA SER C 215 9.05 2.87 8.56
C SER C 215 8.02 3.95 8.24
N ILE C 216 8.44 5.00 7.53
CA ILE C 216 7.52 6.09 7.19
C ILE C 216 6.77 5.81 5.89
N ILE C 217 7.47 5.33 4.87
CA ILE C 217 6.83 5.05 3.58
C ILE C 217 6.27 3.63 3.62
N GLN C 218 6.24 3.04 4.83
CA GLN C 218 5.80 1.67 5.04
C GLN C 218 6.57 0.68 4.16
C1 NAG D . -12.92 -27.94 5.92
C2 NAG D . -13.60 -29.20 6.49
C3 NAG D . -13.40 -30.39 5.54
C4 NAG D . -13.86 -30.03 4.13
C5 NAG D . -13.10 -28.79 3.67
C6 NAG D . -13.50 -28.31 2.29
C7 NAG D . -13.66 -29.14 8.94
C8 NAG D . -12.97 -29.54 10.21
N2 NAG D . -13.07 -29.52 7.80
O3 NAG D . -14.14 -31.51 6.02
O4 NAG D . -13.61 -31.11 3.24
O5 NAG D . -13.38 -27.71 4.58
O6 NAG D . -14.89 -28.49 2.03
O7 NAG D . -14.69 -28.47 8.95
H2 NAG D . -14.56 -29.02 6.56
H3 NAG D . -12.46 -30.62 5.52
H4 NAG D . -14.81 -29.85 4.12
H5 NAG D . -12.15 -28.98 3.67
H61 NAG D . -12.99 -28.82 1.62
H62 NAG D . -13.28 -27.37 2.21
H81 NAG D . -13.49 -29.25 10.98
H82 NAG D . -12.08 -29.14 10.24
H83 NAG D . -12.89 -30.52 10.23
HN2 NAG D . -12.30 -30.00 7.86
HO3 NAG D . -13.58 -32.08 6.42
C1 NAG D . -14.62 -32.17 3.02
C2 NAG D . -14.25 -32.85 1.70
C3 NAG D . -15.31 -33.88 1.29
C4 NAG D . -15.68 -34.79 2.46
C5 NAG D . -16.00 -33.95 3.69
C6 NAG D . -16.31 -34.78 4.91
C7 NAG D . -12.99 -31.65 -0.07
C8 NAG D . -11.82 -32.53 0.26
N2 NAG D . -14.11 -31.84 0.65
O3 NAG D . -14.80 -34.67 0.22
O4 NAG D . -16.82 -35.57 2.10
O5 NAG D . -14.84 -33.16 4.00
O6 NAG D . -15.13 -35.14 5.61
O7 NAG D . -12.93 -30.79 -0.95
H2 NAG D . -13.40 -33.31 1.82
H3 NAG D . -16.10 -33.40 1.00
H4 NAG D . -14.94 -35.38 2.67
H5 NAG D . -16.76 -33.37 3.51
H61 NAG D . -16.78 -35.59 4.64
H62 NAG D . -16.89 -34.26 5.50
H81 NAG D . -11.06 -32.30 -0.32
H82 NAG D . -12.06 -33.46 0.12
H83 NAG D . -11.56 -32.39 1.19
HN2 NAG D . -14.83 -31.31 0.46
HO3 NAG D . -15.03 -35.53 0.34
HO4 NAG D . -16.64 -36.43 2.25
HO6 NAG D . -15.27 -35.07 6.48
C1 FUC D . -15.03 -28.34 0.59
C2 FUC D . -16.56 -28.55 0.80
C3 FUC D . -17.33 -27.27 1.11
C4 FUC D . -16.89 -26.13 0.22
C5 FUC D . -15.40 -25.89 0.38
C6 FUC D . -14.88 -24.82 -0.56
O2 FUC D . -16.82 -29.53 1.80
O3 FUC D . -18.73 -27.49 0.86
O4 FUC D . -17.19 -26.43 -1.14
O5 FUC D . -14.61 -27.07 0.12
H2 FUC D . -16.94 -28.89 -0.17
H3 FUC D . -17.15 -26.99 2.16
H4 FUC D . -17.42 -25.21 0.52
H5 FUC D . -15.24 -25.62 1.43
H61 FUC D . -13.79 -24.73 -0.48
H62 FUC D . -15.33 -23.85 -0.32
H63 FUC D . -15.13 -25.06 -1.60
HO2 FUC D . -16.53 -29.14 2.64
HO3 FUC D . -18.88 -27.23 -0.05
HO4 FUC D . -17.47 -25.59 -1.53
C1 NAG E . 19.68 -23.68 -7.33
C2 NAG E . 21.18 -23.70 -7.04
C3 NAG E . 21.51 -24.75 -6.00
C4 NAG E . 20.65 -24.57 -4.75
C5 NAG E . 19.18 -24.56 -5.15
C6 NAG E . 18.25 -24.28 -3.99
C7 NAG E . 22.39 -22.93 -9.04
C8 NAG E . 23.16 -23.35 -10.24
N2 NAG E . 21.94 -23.92 -8.25
O3 NAG E . 22.89 -24.66 -5.65
O4 NAG E . 20.89 -25.62 -3.83
O5 NAG E . 18.95 -23.52 -6.11
O6 NAG E . 18.58 -23.05 -3.35
O7 NAG E . 22.18 -21.75 -8.77
H2 NAG E . 21.42 -22.82 -6.67
H3 NAG E . 21.34 -25.64 -6.37
H4 NAG E . 20.88 -23.72 -4.32
H5 NAG E . 18.94 -25.42 -5.54
H61 NAG E . 18.34 -25.00 -3.33
H62 NAG E . 17.33 -24.25 -4.31
H81 NAG E . 23.42 -22.56 -10.75
H82 NAG E . 22.61 -23.92 -10.80
H83 NAG E . 23.96 -23.83 -9.97
HN2 NAG E . 22.13 -24.78 -8.50
HO3 NAG E . 23.12 -25.37 -5.17
C1 NAG E . 21.80 -25.64 -2.73
C2 NAG E . 21.42 -26.90 -1.98
C3 NAG E . 22.51 -27.29 -0.99
C4 NAG E . 23.85 -27.40 -1.69
C5 NAG E . 24.14 -26.12 -2.47
C6 NAG E . 25.38 -26.24 -3.33
C7 NAG E . 19.01 -27.35 -1.65
C8 NAG E . 19.08 -28.27 -2.83
N2 NAG E . 20.14 -26.74 -1.30
O3 NAG E . 22.18 -28.52 -0.37
O4 NAG E . 24.88 -27.60 -0.73
O5 NAG E . 23.06 -25.83 -3.38
O6 NAG E . 25.56 -25.08 -4.14
O7 NAG E . 17.96 -27.17 -1.03
H2 NAG E . 21.33 -27.63 -2.63
H3 NAG E . 22.56 -26.59 -0.30
H4 NAG E . 23.83 -28.14 -2.30
H5 NAG E . 24.24 -25.38 -1.85
H61 NAG E . 25.31 -27.02 -3.91
H62 NAG E . 26.16 -26.34 -2.75
H81 NAG E . 18.19 -28.64 -3.02
H82 NAG E . 19.70 -29.00 -2.65
H83 NAG E . 19.39 -27.78 -3.61
HN2 NAG E . 20.12 -26.16 -0.59
HO3 NAG E . 22.92 -28.89 -0.04
HO4 NAG E . 25.60 -27.94 -1.13
HO6 NAG E . 26.17 -25.25 -4.76
C1 FUC E . 18.84 -23.22 -1.95
C2 FUC E . 19.09 -21.76 -1.55
C3 FUC E . 17.81 -20.92 -1.64
C4 FUC E . 16.64 -21.60 -0.92
C5 FUC E . 16.51 -23.05 -1.42
C6 FUC E . 15.45 -23.84 -0.66
O2 FUC E . 20.12 -21.18 -2.34
O3 FUC E . 18.02 -19.66 -1.01
O4 FUC E . 16.87 -21.59 0.48
O5 FUC E . 17.74 -23.77 -1.27
H2 FUC E . 19.41 -21.76 -0.50
H3 FUC E . 17.55 -20.79 -2.70
H4 FUC E . 15.71 -21.08 -1.17
H5 FUC E . 16.24 -23.00 -2.48
H61 FUC E . 15.53 -24.90 -0.91
H62 FUC E . 14.46 -23.49 -0.93
H63 FUC E . 15.60 -23.71 0.42
HO2 FUC E . 20.10 -21.64 -3.19
HO3 FUC E . 18.26 -19.04 -1.71
HO4 FUC E . 17.66 -21.05 0.60
C1 NAG F . -9.83 10.05 -7.39
C2 NAG F . -9.11 11.10 -8.25
C3 NAG F . -10.12 11.90 -9.07
C4 NAG F . -11.02 10.98 -9.87
C5 NAG F . -11.69 9.98 -8.91
C6 NAG F . -12.57 8.98 -9.63
C7 NAG F . -7.04 11.73 -7.10
C8 NAG F . -6.36 12.75 -6.23
N2 NAG F . -8.31 11.98 -7.42
O3 NAG F . -9.41 12.77 -9.96
O4 NAG F . -12.01 11.73 -10.56
O5 NAG F . -10.67 9.24 -8.22
O6 NAG F . -11.92 8.45 -10.77
O7 NAG F . -6.46 10.72 -7.49
H2 NAG F . -8.52 10.63 -8.87
H3 NAG F . -10.66 12.44 -8.47
H4 NAG F . -10.50 10.49 -10.53
H5 NAG F . -12.23 10.47 -8.27
H61 NAG F . -13.40 9.41 -9.90
H62 NAG F . -12.78 8.26 -9.01
H81 NAG F . -5.44 12.47 -6.06
H82 NAG F . -6.85 12.83 -5.39
H83 NAG F . -6.35 13.61 -6.69
HN2 NAG F . -8.69 12.75 -7.10
HO3 NAG F . -9.99 13.28 -10.39
C1 NAG F . -11.94 11.84 -11.99
C2 NAG F . -13.21 12.42 -12.62
C3 NAG F . -12.99 12.70 -14.12
C4 NAG F . -11.67 13.41 -14.38
C5 NAG F . -10.55 12.70 -13.65
C6 NAG F . -9.20 13.37 -13.82
C7 NAG F . -15.28 11.62 -11.50
C8 NAG F . -15.16 12.81 -10.59
N2 NAG F . -14.32 11.49 -12.44
O3 NAG F . -14.07 13.50 -14.60
O4 NAG F . -11.40 13.42 -15.77
O5 NAG F . -10.85 12.68 -12.25
O6 NAG F . -8.20 12.43 -14.19
O7 NAG F . -16.18 10.81 -11.39
H2 NAG F . -13.42 13.27 -12.19
H3 NAG F . -12.99 11.84 -14.58
H4 NAG F . -11.74 14.33 -14.05
H5 NAG F . -10.46 11.79 -13.99
H61 NAG F . -8.95 13.79 -12.97
H62 NAG F . -9.27 14.06 -14.50
H81 NAG F . -15.86 12.76 -9.91
H82 NAG F . -15.27 13.63 -11.11
H83 NAG F . -14.28 12.81 -10.16
HN2 NAG F . -14.38 10.78 -13.01
HO3 NAG F . -13.82 13.90 -15.35
HO4 NAG F . -10.90 14.12 -15.97
HO6 NAG F . -7.44 12.86 -14.35
C1 FUC F . -12.77 7.61 -11.57
C2 FUC F . -12.30 7.24 -12.97
C3 FUC F . -11.37 6.03 -12.93
C4 FUC F . -11.99 4.87 -12.13
C5 FUC F . -12.52 5.36 -10.78
C6 FUC F . -13.35 4.31 -10.04
O2 FUC F . -11.65 8.33 -13.62
O3 FUC F . -11.15 5.55 -14.26
O4 FUC F . -13.07 4.28 -12.87
O5 FUC F . -13.36 6.52 -10.92
H2 FUC F . -13.18 6.97 -13.57
H3 FUC F . -10.43 6.32 -12.45
H4 FUC F . -11.21 4.12 -11.94
H5 FUC F . -11.64 5.64 -10.18
H61 FUC F . -13.73 4.73 -9.10
H62 FUC F . -12.73 3.44 -9.82
H63 FUC F . -14.18 4.00 -10.66
HO2 FUC F . -11.21 8.83 -12.92
HO3 FUC F . -11.86 4.92 -14.44
HO4 FUC F . -12.89 3.33 -12.84
C1 NAG G . -37.02 8.74 15.38
C2 NAG G . -37.76 9.28 16.60
C3 NAG G . -37.50 10.78 16.76
C4 NAG G . -36.01 11.06 16.78
C5 NAG G . -35.35 10.47 15.53
C6 NAG G . -33.85 10.62 15.53
C7 NAG G . -39.78 7.97 17.05
C8 NAG G . -41.26 7.86 16.86
N2 NAG G . -39.19 9.02 16.50
O3 NAG G . -38.10 11.24 17.96
O4 NAG G . -35.77 12.47 16.81
O5 NAG G . -35.62 9.06 15.48
O6 NAG G . -33.23 9.81 16.51
O7 NAG G . -39.15 7.13 17.70
H2 NAG G . -37.41 8.84 17.39
H3 NAG G . -37.90 11.25 16.00
H4 NAG G . -35.61 10.66 17.57
H5 NAG G . -35.73 10.90 14.74
H61 NAG G . -33.63 11.56 15.71
H62 NAG G . -33.51 10.38 14.65
H81 NAG G . -41.59 7.04 17.28
H82 NAG G . -41.45 7.82 15.90
H83 NAG G . -41.71 8.64 17.24
HN2 NAG G . -39.71 9.62 16.04
HO3 NAG G . -37.93 12.11 18.07
HO4 NAG G . -35.03 12.64 17.28
C1 FUC G . -32.16 10.47 17.19
C2 FUC G . -31.68 9.32 18.11
C3 FUC G . -30.91 8.21 17.39
C4 FUC G . -29.92 8.80 16.39
C5 FUC G . -30.66 9.66 15.40
C6 FUC G . -29.71 10.35 14.41
O2 FUC G . -32.77 8.75 18.83
O3 FUC G . -30.16 7.45 18.34
O4 FUC G . -28.94 9.56 17.08
O5 FUC G . -31.41 10.73 16.02
H2 FUC G . -30.96 9.78 18.80
H3 FUC G . -31.63 7.58 16.84
H4 FUC G . -29.44 7.97 15.84
H5 FUC G . -31.37 9.01 14.87
H61 FUC G . -30.25 11.12 13.85
H62 FUC G . -29.30 9.62 13.72
H63 FUC G . -28.89 10.83 14.96
HO2 FUC G . -33.57 8.96 18.31
HO3 FUC G . -30.75 6.73 18.63
HO4 FUC G . -29.33 10.45 17.16
C1 NAG H . -1.22 19.32 -4.83
C2 NAG H . -2.56 19.45 -5.56
C3 NAG H . -2.40 20.25 -6.85
C4 NAG H . -1.71 21.58 -6.57
C5 NAG H . -0.39 21.33 -5.86
C6 NAG H . 0.34 22.59 -5.50
C7 NAG H . -3.97 17.49 -5.06
C8 NAG H . -4.41 16.14 -5.52
N2 NAG H . -3.11 18.13 -5.86
O3 NAG H . -3.68 20.48 -7.43
O4 NAG H . -1.48 22.27 -7.79
O5 NAG H . -0.64 20.62 -4.64
O6 NAG H . -0.56 23.62 -5.12
O7 NAG H . -4.39 17.99 -4.01
H2 NAG H . -3.18 19.93 -4.98
H3 NAG H . -1.85 19.73 -7.47
H4 NAG H . -2.29 22.13 -6.01
H5 NAG H . 0.19 20.78 -6.44
H61 NAG H . 0.87 22.89 -6.27
H62 NAG H . 0.94 22.41 -4.75
H81 NAG H . -5.03 15.76 -4.88
H82 NAG H . -3.64 15.55 -5.61
H83 NAG H . -4.86 16.22 -6.40
HN2 NAG H . -2.84 17.71 -6.62
HO3 NAG H . -3.58 20.88 -8.20
HO6 NAG H . -1.09 23.33 -4.47
C1 NAG H . -2.27 23.41 -8.15
C2 NAG H . -1.75 24.10 -9.41
C3 NAG H . -2.69 25.23 -9.85
C4 NAG H . -4.14 24.80 -9.82
C5 NAG H . -4.47 24.12 -8.50
C6 NAG H . -5.87 23.60 -8.41
C7 NAG H . 0.73 24.08 -9.63
C8 NAG H . 0.58 22.83 -10.44
N2 NAG H . -0.41 24.62 -9.17
O3 NAG H . -2.34 25.63 -11.17
O4 NAG H . -4.98 25.93 -9.99
O5 NAG H . -3.59 22.99 -8.35
O6 NAG H . -6.37 23.70 -7.08
O7 NAG H . 1.82 24.57 -9.40
H2 NAG H . -1.72 23.44 -10.13
H3 NAG H . -2.57 25.97 -9.22
H4 NAG H . -4.31 24.17 -10.55
H5 NAG H . -4.33 24.74 -7.76
H61 NAG H . -5.88 22.66 -8.69
H62 NAG H . -6.45 24.12 -9.01
H81 NAG H . 1.45 22.54 -10.76
H82 NAG H . -0.01 23.00 -11.21
H83 NAG H . 0.18 22.12 -9.90
HN2 NAG H . -0.34 25.39 -8.67
HO3 NAG H . -3.04 26.04 -11.55
HO4 NAG H . -5.81 25.67 -10.15
HO6 NAG H . -7.16 23.30 -7.03
C1 FUC H . -0.42 25.05 -5.26
C2 FUC H . -1.47 26.12 -4.90
C3 FUC H . -1.59 26.41 -3.40
C4 FUC H . -0.22 26.50 -2.75
C5 FUC H . 0.53 25.20 -2.98
C6 FUC H . 1.96 25.24 -2.41
O2 FUC H . -2.75 25.77 -5.44
O3 FUC H . -2.23 27.67 -3.21
O4 FUC H . 0.50 27.59 -3.31
O5 FUC H . 0.69 24.88 -4.37
H2 FUC H . -1.11 27.05 -5.35
H3 FUC H . -2.15 25.59 -2.94
H4 FUC H . -0.34 26.63 -1.67
H5 FUC H . -0.05 24.41 -2.49
H61 FUC H . 2.61 24.57 -2.97
H62 FUC H . 1.95 24.94 -1.36
H63 FUC H . 2.36 26.26 -2.48
HO2 FUC H . -2.73 24.81 -5.55
HO3 FUC H . -1.52 28.32 -3.10
HO4 FUC H . 1.00 27.96 -2.56
C1 NAG I . 32.03 10.65 -14.04
C2 NAG I . 33.00 9.56 -14.51
C3 NAG I . 32.33 8.66 -15.55
C4 NAG I . 31.01 8.12 -15.01
C5 NAG I . 30.12 9.28 -14.58
C6 NAG I . 28.82 8.83 -13.95
C7 NAG I . 35.38 10.18 -14.40
C8 NAG I . 36.52 10.83 -15.14
N2 NAG I . 34.21 10.15 -15.06
O3 NAG I . 33.21 7.59 -15.86
O4 NAG I . 30.35 7.36 -16.03
O5 NAG I . 30.80 10.04 -13.58
O6 NAG I . 29.04 7.80 -12.99
O7 NAG I . 35.51 9.71 -13.29
H2 NAG I . 33.23 9.02 -13.73
H3 NAG I . 32.16 9.18 -16.35
H4 NAG I . 31.17 7.54 -14.26
H5 NAG I . 29.92 9.84 -15.35
H61 NAG I . 28.23 8.49 -14.65
H62 NAG I . 28.39 9.59 -13.51
H81 NAG I . 37.31 10.82 -14.56
H82 NAG I . 36.28 11.75 -15.36
H83 NAG I . 36.70 10.34 -15.96
HN2 NAG I . 34.17 10.52 -15.89
HO3 NAG I . 32.85 7.11 -16.53
C1 NAG I . 30.46 5.89 -16.17
C2 NAG I . 29.35 5.43 -17.13
C3 NAG I . 29.55 3.97 -17.53
C4 NAG I . 30.96 3.72 -18.02
C5 NAG I . 31.95 4.20 -16.96
C6 NAG I . 33.39 4.02 -17.36
C7 NAG I . 27.17 6.57 -16.87
C8 NAG I . 27.58 7.52 -17.96
N2 NAG I . 28.04 5.62 -16.52
O3 NAG I . 28.61 3.64 -18.55
O4 NAG I . 31.16 2.33 -18.27
O5 NAG I . 31.75 5.59 -16.73
O6 NAG I . 33.79 4.97 -18.35
O7 NAG I . 26.07 6.67 -16.31
H2 NAG I . 29.41 5.97 -17.94
H3 NAG I . 29.39 3.41 -16.74
H4 NAG I . 31.12 4.21 -18.85
H5 NAG I . 31.81 3.71 -16.13
H61 NAG I . 33.52 3.12 -17.73
H62 NAG I . 33.96 4.12 -16.57
H81 NAG I . 26.90 8.19 -18.08
H82 NAG I . 27.70 7.02 -18.78
H83 NAG I . 28.43 7.94 -17.70
HN2 NAG I . 27.80 5.04 -15.86
HO3 NAG I . 28.60 2.75 -18.66
HO4 NAG I . 31.73 2.23 -18.95
HO6 NAG I . 33.52 5.78 -18.10
C1 FUC I . 28.36 6.59 -12.74
C2 FUC I . 28.93 6.00 -11.44
C3 FUC I . 28.55 6.84 -10.21
C4 FUC I . 27.05 7.15 -10.20
C5 FUC I . 26.65 7.78 -11.54
C6 FUC I . 25.15 8.05 -11.66
O2 FUC I . 30.34 5.85 -11.51
O3 FUC I . 28.84 6.10 -9.02
O4 FUC I . 26.30 5.95 -9.99
O5 FUC I . 27.00 6.92 -12.64
H2 FUC I . 28.48 5.01 -11.31
H3 FUC I . 29.10 7.79 -10.24
H4 FUC I . 26.83 7.88 -9.40
H5 FUC I . 27.20 8.73 -11.62
H61 FUC I . 24.93 8.44 -12.66
H62 FUC I . 24.84 8.78 -10.91
H63 FUC I . 24.60 7.12 -11.51
HO2 FUC I . 30.67 6.61 -12.02
HO3 FUC I . 29.64 6.50 -8.66
HO4 FUC I . 26.27 5.52 -10.85
BR BR J . 4.15 -30.44 -15.65
BR BR K . 15.83 -25.13 -13.71
BR BR L . -37.40 7.21 -3.59
BR BR M . 22.90 27.25 -16.43
BR BR N . 19.62 21.65 -22.20
C5 LKK O . 24.82 28.58 11.85
C4 LKK O . 24.74 29.98 12.07
C6 LKK O . 24.26 28.01 10.69
C3 LKK O . 24.11 30.80 11.12
C7 LKK O . 26.40 26.55 1.97
C2 LKK O . 23.56 30.23 9.96
C1 LKK O . 23.64 28.83 9.74
C12 LKK O . 24.15 25.19 6.78
C13 LKK O . 23.11 26.07 7.22
C14 LKK O . 23.89 23.85 6.03
C16 LKK O . 24.00 25.09 3.75
C19 LKK O . 24.28 25.04 2.20
C20 LKK O . 25.19 23.83 1.82
C21 LKK O . 24.89 26.40 1.66
C8 LKK O . 22.99 28.24 8.42
C9 LKK O . 25.27 23.58 0.28
N10 LKK O . 25.04 26.91 7.79
N11 LKK O . 25.31 25.76 7.16
N15 LKK O . 24.17 23.88 4.58
N9 LKK O . 23.73 27.10 7.84
O1 LKK O . 22.73 24.91 -0.26
O18 LKK O . 23.63 26.11 4.23
O24 LKK O . 21.56 25.93 2.00
S22 LKK O . 22.62 24.78 1.41
BR1 LKK O . 25.51 30.79 13.69
H1 LKK O . 25.25 28.03 12.49
H2 LKK O . 24.31 27.08 10.55
H3 LKK O . 24.06 31.72 11.26
H4 LKK O . 26.62 27.50 2.04
H5 LKK O . 26.93 26.15 1.27
H6 LKK O . 26.60 26.12 2.81
H7 LKK O . 23.14 30.76 9.33
H8 LKK O . 22.19 25.96 7.12
H9 LKK O . 24.46 23.17 6.43
H10 LKK O . 22.97 23.61 6.14
H11 LKK O . 24.83 23.03 2.25
H12 LKK O . 26.08 23.99 2.16
H13 LKK O . 24.77 26.43 0.70
H14 LKK O . 24.41 27.13 2.07
H15 LKK O . 22.08 27.94 8.62
H16 LKK O . 22.94 28.95 7.76
H17 LKK O . 25.28 24.43 -0.19
H18 LKK O . 26.08 23.09 0.07
H19 LKK O . 24.49 23.06 -0.01
H20 LKK O . 24.45 23.17 4.20
C1 EDO P . 31.97 34.94 -0.46
O1 EDO P . 33.10 34.10 -0.72
C2 EDO P . 32.47 36.17 0.28
O2 EDO P . 31.69 37.31 -0.07
H11 EDO P . 31.24 34.40 0.15
H12 EDO P . 31.49 35.22 -1.39
HO1 EDO P . 33.56 34.40 -1.52
H21 EDO P . 33.51 36.35 0.04
H22 EDO P . 32.39 36.01 1.36
HO2 EDO P . 32.07 38.11 0.33
C1 EDO Q . 30.26 30.90 -4.81
O1 EDO Q . 30.83 30.97 -3.51
C2 EDO Q . 28.80 31.30 -4.77
O2 EDO Q . 28.25 31.28 -6.08
H11 EDO Q . 30.36 29.88 -5.20
H12 EDO Q . 30.81 31.57 -5.48
HO1 EDO Q . 31.76 30.71 -3.54
H21 EDO Q . 28.70 32.30 -4.33
H22 EDO Q . 28.24 30.60 -4.13
HO2 EDO Q . 27.31 31.53 -6.06
#